data_7WH0
#
_entry.id   7WH0
#
_cell.length_a   73.204
_cell.length_b   104.733
_cell.length_c   76.438
_cell.angle_alpha   90.000
_cell.angle_beta   102.160
_cell.angle_gamma   90.000
#
_symmetry.space_group_name_H-M   'P 1 21 1'
#
loop_
_entity.id
_entity.type
_entity.pdbx_description
1 polymer "Beta-Carotene 15,15'-MonoOxygenase"
2 non-polymer 'FE (III) ION'
3 non-polymer GLYCEROL
4 non-polymer 'OXALIC ACID'
5 water water
#
_entity_poly.entity_id   1
_entity_poly.type   'polypeptide(L)'
_entity_poly.pdbx_seq_one_letter_code
;MGSSHHHHHHSSGLVPRGSHMEAEGFPRLFHNFENVPEPKECKKVGSVPSYLTGTMLRNGPGMFTVGEEEYKHWFDGLGF
MQRYHFEDGKMFYSARYLESEAYTKTVEAQRIVAGTFGTLSFPDPCKTIFSKYFSEFMNHSEKHDNSNVAFTPVGDSLYA
CTETPHMYRVDLDTLKTLEAADFSKFVAVHSCTAHQLYDENGDVYNIGSRFGPESAHVFTVTKNPKNQKSENDHSWEHTS
KIGEIKASDPLYPTYMHSFGMSENYLVMFESPVRLHLQKYLLSEFVRATYHDCLEWHGDKDVSIFILNKKTGEQLPLTLK
MNPFFTFHHANTFEKDGCLVMDYCRIENAGKFDTLLISNMKTGEFQYDAKFLPYLTRVIVPMSVSSSAKPGDNLLKSVPW
ASGCTSILQDDGSIRLTERRVCETSMEFPRYHWEKINMKEYRYVFGSTVFGRIDGNLAGVVKADLKFGNHLIWNRENPHQ
ICGEPIFVPNPEGIEEDDGILIVPIMSSSEKQVPFVLILDAKTLEETARFEIPEARIPLGFHAFYKPKN
;
_entity_poly.pdbx_strand_id   A,B
#
# COMPACT_ATOMS: atom_id res chain seq x y z
N MET A 21 26.13 -13.90 23.02
CA MET A 21 24.94 -13.38 22.31
C MET A 21 25.15 -13.39 20.80
N GLU A 22 24.21 -13.99 20.06
CA GLU A 22 24.38 -14.09 18.62
C GLU A 22 24.31 -12.73 17.95
N ALA A 23 25.03 -12.62 16.82
CA ALA A 23 25.10 -11.35 16.12
C ALA A 23 23.82 -11.03 15.35
N GLU A 24 23.13 -12.05 14.84
CA GLU A 24 22.01 -11.79 13.94
C GLU A 24 21.01 -12.91 14.10
N GLY A 25 19.73 -12.57 13.96
CA GLY A 25 18.68 -13.55 14.02
C GLY A 25 17.90 -13.44 15.33
N PHE A 26 16.77 -14.14 15.36
CA PHE A 26 15.96 -14.14 16.57
C PHE A 26 16.67 -14.68 17.82
N PRO A 27 17.64 -15.60 17.75
CA PRO A 27 18.32 -15.97 19.01
C PRO A 27 18.94 -14.79 19.72
N ARG A 28 19.28 -13.74 18.99
CA ARG A 28 19.83 -12.53 19.61
C ARG A 28 18.85 -11.95 20.62
N LEU A 29 17.55 -12.01 20.32
CA LEU A 29 16.54 -11.42 21.20
C LEU A 29 16.25 -12.26 22.44
N PHE A 30 16.77 -13.49 22.51
CA PHE A 30 16.51 -14.37 23.63
C PHE A 30 17.71 -14.53 24.55
N HIS A 31 18.75 -13.72 24.38
CA HIS A 31 19.78 -13.64 25.40
CA HIS A 31 19.81 -13.60 25.37
C HIS A 31 19.33 -12.68 26.49
N ASN A 32 19.71 -12.99 27.74
CA ASN A 32 19.23 -12.21 28.87
C ASN A 32 19.52 -10.72 28.70
N PHE A 33 18.54 -9.89 29.08
CA PHE A 33 18.75 -8.46 29.12
C PHE A 33 19.37 -8.04 30.45
N GLU A 34 20.03 -6.89 30.44
CA GLU A 34 20.60 -6.29 31.64
C GLU A 34 19.91 -4.96 31.93
N ASN A 35 19.82 -4.61 33.21
CA ASN A 35 19.20 -3.34 33.59
C ASN A 35 19.94 -2.17 32.95
N VAL A 36 19.17 -1.14 32.60
CA VAL A 36 19.71 0.12 32.13
C VAL A 36 19.20 1.14 33.15
N PRO A 37 19.86 1.26 34.30
CA PRO A 37 19.21 1.94 35.43
C PRO A 37 19.07 3.44 35.26
N GLU A 38 19.98 4.09 34.55
CA GLU A 38 19.83 5.54 34.51
C GLU A 38 19.26 5.95 33.15
N PRO A 39 18.25 6.82 33.10
CA PRO A 39 17.71 7.26 31.81
C PRO A 39 18.80 7.88 30.95
N LYS A 40 18.87 7.45 29.70
CA LYS A 40 19.85 7.92 28.74
C LYS A 40 19.12 8.65 27.62
N GLU A 41 19.60 9.85 27.28
CA GLU A 41 19.02 10.57 26.15
C GLU A 41 19.32 9.83 24.86
N CYS A 42 18.33 9.76 23.98
CA CYS A 42 18.43 9.02 22.74
C CYS A 42 18.71 9.96 21.57
N LYS A 43 19.48 9.48 20.61
CA LYS A 43 19.79 10.28 19.43
C LYS A 43 18.54 10.49 18.60
N LYS A 44 18.14 11.74 18.42
CA LYS A 44 16.93 12.12 17.71
C LYS A 44 17.23 12.50 16.26
N VAL A 45 16.45 11.97 15.34
CA VAL A 45 16.47 12.40 13.94
C VAL A 45 15.07 12.82 13.58
N GLY A 46 14.90 14.09 13.21
CA GLY A 46 13.59 14.57 12.82
C GLY A 46 12.98 15.50 13.85
N SER A 47 11.66 15.57 13.89
CA SER A 47 10.97 16.48 14.80
C SER A 47 9.70 15.84 15.35
N VAL A 48 9.33 16.25 16.56
CA VAL A 48 8.13 15.71 17.20
C VAL A 48 7.24 16.88 17.59
N PRO A 49 5.95 16.64 17.74
CA PRO A 49 5.04 17.75 18.06
C PRO A 49 5.17 18.18 19.51
N SER A 50 4.66 19.39 19.77
CA SER A 50 4.75 19.95 21.11
C SER A 50 4.01 19.14 22.15
N TYR A 51 3.02 18.34 21.76
CA TYR A 51 2.25 17.60 22.74
C TYR A 51 2.84 16.23 23.06
N LEU A 52 4.00 15.89 22.51
CA LEU A 52 4.63 14.61 22.84
C LEU A 52 5.41 14.81 24.14
N THR A 53 4.66 14.87 25.24
CA THR A 53 5.19 15.01 26.58
C THR A 53 4.47 13.99 27.44
N GLY A 54 5.20 12.98 27.89
CA GLY A 54 4.60 11.88 28.61
C GLY A 54 5.59 10.74 28.71
N THR A 55 5.14 9.67 29.33
CA THR A 55 6.00 8.52 29.59
C THR A 55 5.32 7.26 29.10
N MET A 56 6.05 6.48 28.31
CA MET A 56 5.58 5.17 27.86
C MET A 56 6.33 4.09 28.63
N LEU A 57 5.60 3.25 29.37
CA LEU A 57 6.16 2.06 30.02
C LEU A 57 5.83 0.84 29.18
N ARG A 58 6.83 0.03 28.89
CA ARG A 58 6.66 -1.16 28.04
C ARG A 58 6.97 -2.39 28.86
N ASN A 59 6.10 -3.40 28.77
CA ASN A 59 6.36 -4.65 29.50
C ASN A 59 6.74 -5.74 28.52
N GLY A 60 7.44 -6.74 29.03
CA GLY A 60 7.81 -7.85 28.18
C GLY A 60 8.81 -8.78 28.83
N PRO A 61 9.23 -9.80 28.10
CA PRO A 61 10.13 -10.81 28.67
C PRO A 61 11.58 -10.42 28.46
N GLY A 62 12.40 -10.64 29.48
CA GLY A 62 13.80 -10.26 29.34
C GLY A 62 14.81 -11.28 29.82
N MET A 63 14.44 -12.14 30.76
CA MET A 63 15.38 -13.17 31.25
C MET A 63 14.92 -14.53 30.74
N PHE A 64 15.73 -15.13 29.89
CA PHE A 64 15.39 -16.39 29.24
C PHE A 64 16.27 -17.57 29.64
N THR A 65 17.42 -17.32 30.28
CA THR A 65 18.28 -18.39 30.74
C THR A 65 18.69 -18.11 32.18
N VAL A 66 18.85 -19.18 32.95
CA VAL A 66 19.33 -19.07 34.32
C VAL A 66 20.33 -20.20 34.50
N GLY A 67 21.60 -19.85 34.68
CA GLY A 67 22.63 -20.88 34.64
C GLY A 67 22.56 -21.62 33.33
N GLU A 68 22.46 -22.95 33.41
CA GLU A 68 22.35 -23.82 32.24
C GLU A 68 20.90 -24.09 31.84
N GLU A 69 19.93 -23.61 32.62
CA GLU A 69 18.51 -23.84 32.36
C GLU A 69 17.95 -22.77 31.44
N GLU A 70 16.96 -23.15 30.64
CA GLU A 70 16.36 -22.22 29.68
C GLU A 70 14.83 -22.27 29.78
N TYR A 71 14.19 -21.10 29.78
CA TYR A 71 12.74 -21.06 29.67
C TYR A 71 12.31 -21.54 28.27
N LYS A 72 11.09 -22.07 28.19
CA LYS A 72 10.62 -22.73 26.98
C LYS A 72 9.78 -21.85 26.06
N HIS A 73 8.93 -20.98 26.61
CA HIS A 73 7.95 -20.26 25.82
C HIS A 73 8.22 -18.76 25.84
N TRP A 74 7.86 -18.10 24.75
CA TRP A 74 7.98 -16.64 24.66
C TRP A 74 7.33 -15.96 25.87
N PHE A 75 6.20 -16.47 26.33
CA PHE A 75 5.46 -15.85 27.44
C PHE A 75 6.17 -16.00 28.78
N ASP A 76 7.26 -16.76 28.83
CA ASP A 76 7.89 -17.16 30.09
C ASP A 76 8.93 -16.17 30.60
N GLY A 77 9.58 -15.43 29.70
CA GLY A 77 10.75 -14.66 30.11
C GLY A 77 10.41 -13.69 31.24
N LEU A 78 11.30 -13.61 32.22
CA LEU A 78 11.00 -12.78 33.38
C LEU A 78 10.86 -11.32 33.00
N GLY A 79 9.84 -10.68 33.58
CA GLY A 79 9.45 -9.33 33.20
C GLY A 79 10.58 -8.32 33.25
N PHE A 80 10.81 -7.64 32.13
CA PHE A 80 11.85 -6.64 31.97
C PHE A 80 11.20 -5.40 31.38
N MET A 81 11.01 -4.38 32.21
CA MET A 81 10.21 -3.22 31.86
C MET A 81 11.10 -2.13 31.28
N GLN A 82 10.57 -1.37 30.31
CA GLN A 82 11.31 -0.25 29.76
C GLN A 82 10.51 1.03 29.91
N ARG A 83 11.24 2.13 30.01
CA ARG A 83 10.64 3.46 30.14
C ARG A 83 11.13 4.30 28.98
N TYR A 84 10.19 4.82 28.19
CA TYR A 84 10.50 5.71 27.08
C TYR A 84 9.88 7.04 27.47
N HIS A 85 10.71 8.00 27.86
CA HIS A 85 10.22 9.22 28.48
C HIS A 85 10.43 10.40 27.53
N PHE A 86 9.34 11.08 27.21
CA PHE A 86 9.35 12.15 26.21
C PHE A 86 9.23 13.51 26.90
N GLU A 87 10.16 14.41 26.60
CA GLU A 87 10.29 15.65 27.35
C GLU A 87 11.16 16.63 26.58
N ASP A 88 10.68 17.86 26.37
CA ASP A 88 11.45 18.89 25.67
C ASP A 88 11.89 18.44 24.28
N GLY A 89 11.04 17.66 23.62
CA GLY A 89 11.36 17.14 22.31
C GLY A 89 12.42 16.06 22.27
N LYS A 90 12.83 15.55 23.43
CA LYS A 90 13.80 14.47 23.56
C LYS A 90 13.13 13.20 24.05
N MET A 91 13.83 12.08 23.92
CA MET A 91 13.38 10.83 24.50
C MET A 91 14.51 10.24 25.34
N PHE A 92 14.15 9.76 26.53
CA PHE A 92 15.07 9.14 27.46
C PHE A 92 14.68 7.69 27.69
N TYR A 93 15.68 6.80 27.68
CA TYR A 93 15.44 5.37 27.79
C TYR A 93 16.08 4.80 29.05
N SER A 94 15.34 3.94 29.73
CA SER A 94 15.85 3.15 30.84
C SER A 94 15.08 1.84 30.87
N ALA A 95 15.59 0.87 31.63
CA ALA A 95 14.93 -0.43 31.71
C ALA A 95 15.39 -1.15 32.97
N ARG A 96 14.48 -1.91 33.56
CA ARG A 96 14.77 -2.68 34.78
C ARG A 96 13.90 -3.92 34.84
N TYR A 97 14.44 -4.98 35.43
CA TYR A 97 13.59 -6.13 35.73
C TYR A 97 12.55 -5.77 36.79
N LEU A 98 11.37 -6.39 36.67
CA LEU A 98 10.38 -6.35 37.73
C LEU A 98 10.87 -7.22 38.89
N GLU A 99 10.81 -6.66 40.10
CA GLU A 99 11.30 -7.39 41.27
C GLU A 99 10.17 -8.19 41.90
N SER A 100 9.64 -9.12 41.11
CA SER A 100 8.63 -10.07 41.55
C SER A 100 9.26 -11.16 42.40
N GLU A 101 8.41 -11.93 43.09
CA GLU A 101 8.90 -13.14 43.75
C GLU A 101 9.49 -14.11 42.75
N ALA A 102 8.87 -14.23 41.57
CA ALA A 102 9.40 -15.08 40.52
C ALA A 102 10.82 -14.66 40.16
N TYR A 103 11.05 -13.37 40.01
CA TYR A 103 12.39 -12.89 39.67
C TYR A 103 13.36 -13.09 40.82
N THR A 104 13.00 -12.61 42.00
CA THR A 104 13.95 -12.66 43.12
CA THR A 104 13.94 -12.66 43.14
C THR A 104 14.33 -14.09 43.47
N LYS A 105 13.34 -15.00 43.52
CA LYS A 105 13.65 -16.38 43.85
C LYS A 105 14.58 -17.01 42.82
N THR A 106 14.39 -16.66 41.53
CA THR A 106 15.22 -17.27 40.49
C THR A 106 16.62 -16.69 40.52
N VAL A 107 16.75 -15.38 40.73
CA VAL A 107 18.08 -14.78 40.79
C VAL A 107 18.82 -15.24 42.04
N GLU A 108 18.10 -15.47 43.15
CA GLU A 108 18.78 -15.92 44.35
C GLU A 108 19.12 -17.40 44.34
N ALA A 109 18.45 -18.20 43.53
CA ALA A 109 18.78 -19.61 43.48
C ALA A 109 19.63 -19.98 42.29
N GLN A 110 19.72 -19.08 41.32
CA GLN A 110 20.42 -19.37 40.07
C GLN A 110 19.87 -20.64 39.44
N ARG A 111 18.56 -20.86 39.67
CA ARG A 111 17.80 -21.95 39.05
C ARG A 111 16.41 -21.43 38.69
N ILE A 112 15.77 -22.10 37.74
CA ILE A 112 14.37 -21.77 37.46
C ILE A 112 13.55 -22.34 38.61
N VAL A 113 12.93 -21.47 39.40
CA VAL A 113 12.29 -21.89 40.63
C VAL A 113 10.77 -21.74 40.56
N ALA A 114 10.29 -20.58 40.14
CA ALA A 114 8.86 -20.32 40.06
C ALA A 114 8.34 -20.80 38.72
N GLY A 115 7.18 -21.46 38.75
CA GLY A 115 6.54 -21.82 37.50
C GLY A 115 6.08 -20.59 36.73
N THR A 116 6.08 -20.73 35.40
CA THR A 116 5.66 -19.68 34.47
C THR A 116 4.65 -20.29 33.51
N PHE A 117 4.29 -19.57 32.45
CA PHE A 117 3.33 -20.11 31.49
C PHE A 117 3.73 -21.49 30.97
N GLY A 118 4.97 -21.61 30.46
CA GLY A 118 5.37 -22.81 29.75
C GLY A 118 6.64 -23.49 30.22
N THR A 119 7.12 -23.18 31.43
CA THR A 119 8.33 -23.80 31.95
C THR A 119 8.06 -24.35 33.34
N LEU A 120 8.53 -25.56 33.60
CA LEU A 120 8.29 -26.18 34.90
C LEU A 120 9.09 -25.48 35.98
N SER A 121 8.54 -25.49 37.18
CA SER A 121 9.31 -25.10 38.36
C SER A 121 10.24 -26.25 38.76
N PHE A 122 11.16 -25.97 39.66
CA PHE A 122 12.03 -27.04 40.15
C PHE A 122 11.18 -28.07 40.89
N PRO A 123 11.44 -29.36 40.74
CA PRO A 123 10.58 -30.35 41.39
C PRO A 123 10.85 -30.35 42.89
N ASP A 124 9.77 -30.32 43.66
CA ASP A 124 9.88 -30.32 45.13
C ASP A 124 9.74 -31.74 45.64
N PRO A 125 10.77 -32.33 46.25
CA PRO A 125 10.63 -33.71 46.74
C PRO A 125 9.53 -33.88 47.79
N CYS A 126 9.09 -32.81 48.43
CA CYS A 126 8.01 -32.91 49.40
C CYS A 126 6.64 -32.72 48.79
N LYS A 127 6.55 -32.51 47.47
CA LYS A 127 5.26 -32.41 46.80
C LYS A 127 5.08 -33.55 45.78
N THR A 128 5.11 -34.79 46.24
CA THR A 128 4.81 -35.93 45.40
C THR A 128 3.47 -36.52 45.80
N ILE A 129 2.98 -37.44 44.97
CA ILE A 129 1.70 -38.09 45.24
C ILE A 129 1.76 -38.94 46.50
N PHE A 130 2.97 -39.26 46.98
CA PHE A 130 3.16 -40.04 48.20
C PHE A 130 3.48 -39.19 49.42
N SER A 131 3.46 -37.87 49.30
CA SER A 131 3.77 -37.02 50.45
C SER A 131 2.50 -36.45 51.04
N LYS A 132 2.62 -35.84 52.22
CA LYS A 132 1.43 -35.30 52.89
C LYS A 132 0.81 -34.18 52.07
N TYR A 133 1.60 -33.46 51.27
CA TYR A 133 1.07 -32.37 50.45
C TYR A 133 -0.03 -32.85 49.50
N PHE A 134 0.02 -34.11 49.07
CA PHE A 134 -1.02 -34.61 48.17
C PHE A 134 -2.39 -34.56 48.84
N SER A 135 -2.45 -34.49 50.17
CA SER A 135 -3.69 -34.33 50.89
C SER A 135 -4.09 -32.87 51.07
N GLU A 136 -3.20 -31.93 50.78
CA GLU A 136 -3.44 -30.51 51.06
C GLU A 136 -3.46 -29.64 49.83
N PHE A 137 -3.16 -30.17 48.65
CA PHE A 137 -2.86 -29.31 47.51
C PHE A 137 -4.07 -28.52 47.05
N MET A 138 -5.29 -29.02 47.28
CA MET A 138 -6.48 -28.27 46.87
C MET A 138 -6.72 -27.06 47.76
N ASN A 139 -6.11 -27.02 48.95
CA ASN A 139 -6.20 -25.87 49.83
C ASN A 139 -5.24 -24.76 49.42
N HIS A 140 -4.36 -25.04 48.48
CA HIS A 140 -3.24 -24.18 48.13
C HIS A 140 -3.41 -23.64 46.72
N SER A 141 -3.01 -22.39 46.52
CA SER A 141 -3.00 -21.75 45.21
C SER A 141 -1.63 -21.10 45.11
N GLU A 142 -0.78 -21.66 44.25
CA GLU A 142 0.61 -21.25 44.20
C GLU A 142 0.70 -19.90 43.48
N LYS A 143 1.44 -18.97 44.08
CA LYS A 143 1.53 -17.61 43.55
C LYS A 143 2.37 -17.60 42.27
N HIS A 144 1.75 -17.21 41.17
CA HIS A 144 2.43 -16.96 39.90
C HIS A 144 2.41 -15.45 39.66
N ASP A 145 3.56 -14.79 39.76
CA ASP A 145 3.60 -13.33 39.76
C ASP A 145 4.64 -12.76 38.78
N ASN A 146 4.92 -13.47 37.69
CA ASN A 146 5.80 -12.92 36.64
C ASN A 146 4.96 -11.98 35.78
N SER A 147 4.73 -10.78 36.30
CA SER A 147 3.78 -9.83 35.71
C SER A 147 4.46 -9.10 34.55
N ASN A 148 4.60 -9.82 33.43
CA ASN A 148 5.40 -9.38 32.30
C ASN A 148 4.58 -9.00 31.07
N VAL A 149 3.26 -8.87 31.20
CA VAL A 149 2.41 -8.74 29.99
C VAL A 149 2.15 -7.28 29.65
N ALA A 150 1.66 -6.51 30.61
CA ALA A 150 1.12 -5.20 30.31
C ALA A 150 1.10 -4.38 31.60
N PHE A 151 0.66 -3.13 31.47
CA PHE A 151 0.46 -2.23 32.60
C PHE A 151 -0.99 -1.80 32.60
N THR A 152 -1.57 -1.71 33.79
CA THR A 152 -2.96 -1.36 33.92
C THR A 152 -3.10 -0.14 34.81
N PRO A 153 -3.82 0.89 34.37
CA PRO A 153 -3.97 2.12 35.18
C PRO A 153 -5.06 1.96 36.23
N VAL A 154 -4.71 2.31 37.47
CA VAL A 154 -5.64 2.31 38.59
C VAL A 154 -5.41 3.62 39.32
N GLY A 155 -6.39 4.52 39.26
CA GLY A 155 -6.22 5.83 39.87
C GLY A 155 -5.00 6.51 39.26
N ASP A 156 -4.07 6.92 40.13
CA ASP A 156 -2.92 7.69 39.69
C ASP A 156 -1.71 6.83 39.35
N SER A 157 -1.85 5.50 39.31
CA SER A 157 -0.68 4.63 39.18
C SER A 157 -0.86 3.58 38.10
N LEU A 158 0.24 2.91 37.76
CA LEU A 158 0.25 1.80 36.82
C LEU A 158 0.65 0.53 37.56
N TYR A 159 0.00 -0.58 37.22
CA TYR A 159 0.29 -1.88 37.80
C TYR A 159 0.79 -2.81 36.70
N ALA A 160 1.92 -3.47 36.95
CA ALA A 160 2.39 -4.51 36.05
C ALA A 160 1.57 -5.76 36.30
N CYS A 161 1.06 -6.38 35.23
CA CYS A 161 0.14 -7.50 35.32
C CYS A 161 0.57 -8.66 34.44
N THR A 162 0.16 -9.86 34.85
CA THR A 162 0.10 -11.02 33.96
C THR A 162 -1.29 -11.62 34.14
N GLU A 163 -1.47 -12.85 33.68
CA GLU A 163 -2.81 -13.47 33.66
C GLU A 163 -3.15 -14.16 34.97
N THR A 164 -2.77 -13.56 36.09
CA THR A 164 -3.01 -14.03 37.44
C THR A 164 -3.46 -12.84 38.29
N PRO A 165 -3.95 -13.06 39.51
CA PRO A 165 -4.31 -11.92 40.38
C PRO A 165 -3.13 -11.12 40.91
N HIS A 166 -1.89 -11.54 40.68
CA HIS A 166 -0.72 -11.00 41.38
C HIS A 166 -0.04 -9.93 40.54
N MET A 167 -0.11 -8.70 41.03
CA MET A 167 0.33 -7.50 40.35
C MET A 167 1.33 -6.74 41.21
N TYR A 168 2.04 -5.79 40.59
CA TYR A 168 2.92 -4.87 41.32
C TYR A 168 2.70 -3.47 40.82
N ARG A 169 2.55 -2.50 41.73
CA ARG A 169 2.64 -1.11 41.34
C ARG A 169 4.09 -0.81 40.94
N VAL A 170 4.27 0.01 39.89
CA VAL A 170 5.58 0.33 39.34
C VAL A 170 5.70 1.84 39.21
N ASP A 171 6.83 2.38 39.66
CA ASP A 171 7.06 3.82 39.61
C ASP A 171 7.32 4.28 38.16
N LEU A 172 6.59 5.31 37.75
CA LEU A 172 6.64 5.78 36.36
C LEU A 172 7.99 6.41 36.02
N ASP A 173 8.65 7.01 36.99
CA ASP A 173 9.89 7.73 36.72
C ASP A 173 11.14 6.86 36.87
N THR A 174 11.13 5.90 37.80
CA THR A 174 12.33 5.12 38.12
C THR A 174 12.22 3.65 37.77
N LEU A 175 11.05 3.16 37.34
CA LEU A 175 10.78 1.75 37.11
C LEU A 175 10.98 0.89 38.37
N LYS A 176 10.99 1.49 39.55
CA LYS A 176 11.13 0.73 40.80
C LYS A 176 9.88 -0.10 41.03
N THR A 177 10.07 -1.33 41.47
CA THR A 177 8.95 -2.19 41.85
C THR A 177 8.43 -1.76 43.20
N LEU A 178 7.16 -1.36 43.26
CA LEU A 178 6.58 -0.98 44.55
C LEU A 178 5.78 -2.14 45.12
N GLU A 179 4.68 -1.86 45.80
CA GLU A 179 4.03 -2.91 46.56
C GLU A 179 3.27 -3.88 45.66
N ALA A 180 3.17 -5.11 46.15
CA ALA A 180 2.34 -6.14 45.51
C ALA A 180 0.87 -5.83 45.73
N ALA A 181 0.04 -6.25 44.77
CA ALA A 181 -1.41 -6.21 44.92
C ALA A 181 -1.97 -7.55 44.47
N ASP A 182 -2.90 -8.09 45.25
CA ASP A 182 -3.50 -9.39 45.00
C ASP A 182 -4.97 -9.16 44.67
N PHE A 183 -5.31 -9.26 43.38
CA PHE A 183 -6.69 -9.05 42.95
C PHE A 183 -7.64 -10.02 43.64
N SER A 184 -7.18 -11.23 43.97
CA SER A 184 -8.07 -12.25 44.52
C SER A 184 -8.45 -11.97 45.97
N LYS A 185 -7.87 -10.95 46.59
CA LYS A 185 -8.37 -10.52 47.90
C LYS A 185 -9.76 -9.91 47.78
N PHE A 186 -10.18 -9.50 46.58
CA PHE A 186 -11.44 -8.81 46.42
C PHE A 186 -12.50 -9.64 45.69
N VAL A 187 -12.10 -10.52 44.79
CA VAL A 187 -13.01 -11.39 44.07
C VAL A 187 -12.36 -12.77 43.97
N ALA A 188 -13.15 -13.82 44.17
CA ALA A 188 -12.63 -15.17 44.08
C ALA A 188 -12.46 -15.53 42.61
N VAL A 189 -11.25 -15.34 42.09
CA VAL A 189 -10.88 -15.85 40.77
C VAL A 189 -9.51 -16.50 40.88
N HIS A 190 -9.26 -17.48 40.02
CA HIS A 190 -7.98 -18.19 39.94
C HIS A 190 -7.07 -17.63 38.85
N SER A 191 -7.61 -17.29 37.69
CA SER A 191 -6.86 -16.57 36.68
C SER A 191 -7.71 -15.37 36.26
N CYS A 192 -7.08 -14.41 35.61
CA CYS A 192 -7.79 -13.25 35.08
C CYS A 192 -6.92 -12.67 33.99
N THR A 193 -7.51 -11.86 33.11
CA THR A 193 -6.68 -11.39 32.02
C THR A 193 -5.74 -10.30 32.52
N ALA A 194 -4.67 -10.10 31.76
CA ALA A 194 -3.79 -8.96 31.91
C ALA A 194 -4.16 -7.84 30.98
N HIS A 195 -5.39 -7.86 30.45
CA HIS A 195 -5.84 -6.85 29.52
C HIS A 195 -7.13 -6.21 29.99
N GLN A 196 -7.11 -5.74 31.25
CA GLN A 196 -8.25 -5.01 31.79
C GLN A 196 -8.59 -3.82 30.90
N LEU A 197 -9.88 -3.54 30.78
CA LEU A 197 -10.38 -2.41 30.01
C LEU A 197 -10.85 -1.34 30.99
N TYR A 198 -10.80 -0.08 30.56
CA TYR A 198 -11.16 1.02 31.44
C TYR A 198 -11.92 2.06 30.63
N ASP A 199 -12.66 2.90 31.32
CA ASP A 199 -13.54 3.86 30.68
C ASP A 199 -13.12 5.28 31.06
N GLU A 200 -13.97 6.25 30.70
CA GLU A 200 -13.65 7.66 30.92
C GLU A 200 -13.62 8.02 32.40
N ASN A 201 -14.29 7.26 33.24
CA ASN A 201 -14.22 7.47 34.67
C ASN A 201 -13.03 6.77 35.31
N GLY A 202 -12.22 6.06 34.52
CA GLY A 202 -11.12 5.30 35.08
C GLY A 202 -11.54 4.06 35.83
N ASP A 203 -12.79 3.63 35.68
CA ASP A 203 -13.21 2.35 36.23
C ASP A 203 -12.61 1.25 35.37
N VAL A 204 -12.23 0.15 36.01
CA VAL A 204 -11.40 -0.89 35.40
C VAL A 204 -12.16 -2.21 35.46
N TYR A 205 -12.33 -2.84 34.31
CA TYR A 205 -13.12 -4.05 34.13
C TYR A 205 -12.22 -5.23 33.83
N ASN A 206 -12.57 -6.41 34.34
CA ASN A 206 -11.81 -7.60 33.98
C ASN A 206 -12.77 -8.78 33.94
N ILE A 207 -12.28 -9.88 33.40
CA ILE A 207 -12.92 -11.18 33.47
C ILE A 207 -11.88 -12.18 33.98
N GLY A 208 -12.28 -12.99 34.95
CA GLY A 208 -11.42 -14.03 35.47
C GLY A 208 -12.17 -15.35 35.53
N SER A 209 -11.41 -16.42 35.69
CA SER A 209 -11.95 -17.77 35.78
C SER A 209 -11.95 -18.21 37.23
N ARG A 210 -13.09 -18.67 37.73
CA ARG A 210 -13.16 -19.40 39.00
C ARG A 210 -13.35 -20.87 38.66
N PHE A 211 -12.31 -21.67 38.92
CA PHE A 211 -12.31 -23.08 38.56
C PHE A 211 -13.06 -23.90 39.60
N GLY A 212 -13.75 -24.93 39.14
CA GLY A 212 -14.41 -25.86 40.03
C GLY A 212 -15.32 -26.80 39.29
N PRO A 213 -16.15 -27.55 40.02
CA PRO A 213 -17.11 -28.44 39.36
C PRO A 213 -18.08 -27.69 38.48
N GLU A 214 -18.23 -26.39 38.68
CA GLU A 214 -19.06 -25.54 37.83
C GLU A 214 -18.28 -24.28 37.45
N SER A 215 -17.12 -24.47 36.82
CA SER A 215 -16.24 -23.35 36.48
C SER A 215 -17.02 -22.22 35.83
N ALA A 216 -16.70 -21.00 36.23
CA ALA A 216 -17.43 -19.83 35.77
C ALA A 216 -16.47 -18.71 35.40
N HIS A 217 -16.90 -17.90 34.45
CA HIS A 217 -16.21 -16.67 34.08
C HIS A 217 -16.84 -15.52 34.86
N VAL A 218 -16.02 -14.83 35.64
CA VAL A 218 -16.46 -13.83 36.60
C VAL A 218 -16.10 -12.46 36.06
N PHE A 219 -17.10 -11.60 35.89
CA PHE A 219 -16.90 -10.26 35.35
C PHE A 219 -16.82 -9.27 36.51
N THR A 220 -15.79 -8.40 36.49
CA THR A 220 -15.48 -7.53 37.62
C THR A 220 -15.36 -6.08 37.18
N VAL A 221 -15.63 -5.16 38.12
CA VAL A 221 -15.33 -3.74 37.94
C VAL A 221 -14.57 -3.26 39.18
N THR A 222 -13.57 -2.42 38.95
CA THR A 222 -12.79 -1.75 39.98
C THR A 222 -13.00 -0.26 39.82
N LYS A 223 -13.68 0.37 40.77
CA LYS A 223 -13.94 1.79 40.68
C LYS A 223 -12.65 2.59 40.90
N ASN A 224 -12.49 3.64 40.11
CA ASN A 224 -11.37 4.57 40.23
C ASN A 224 -11.25 5.07 41.69
N PRO A 225 -10.16 4.76 42.38
CA PRO A 225 -10.05 5.20 43.78
C PRO A 225 -9.95 6.70 43.94
N LYS A 226 -9.58 7.44 42.88
CA LYS A 226 -9.56 8.91 42.96
C LYS A 226 -10.95 9.53 43.04
N ASN A 227 -11.98 8.87 42.51
CA ASN A 227 -13.31 9.49 42.46
C ASN A 227 -14.18 9.14 43.66
N GLN A 228 -13.57 8.75 44.77
CA GLN A 228 -14.28 8.09 45.85
C GLN A 228 -13.34 8.02 47.04
N LYS A 229 -13.92 7.93 48.24
CA LYS A 229 -13.11 7.78 49.46
C LYS A 229 -12.40 6.43 49.45
N SER A 230 -11.07 6.46 49.43
CA SER A 230 -10.25 5.25 49.31
C SER A 230 -9.06 5.35 50.24
N GLU A 231 -8.38 4.22 50.47
CA GLU A 231 -7.19 4.23 51.32
C GLU A 231 -6.06 5.05 50.71
N ASN A 232 -5.98 5.07 49.38
CA ASN A 232 -5.00 5.86 48.66
C ASN A 232 -5.52 5.99 47.24
N ASP A 233 -4.81 6.78 46.43
CA ASP A 233 -5.25 7.09 45.08
C ASP A 233 -4.83 6.02 44.07
N HIS A 234 -4.33 4.86 44.52
CA HIS A 234 -4.02 3.77 43.62
C HIS A 234 -4.61 2.45 44.12
N SER A 235 -5.65 2.52 44.95
CA SER A 235 -6.18 1.36 45.63
C SER A 235 -7.09 0.55 44.72
N TRP A 236 -7.02 -0.78 44.85
CA TRP A 236 -7.93 -1.71 44.20
C TRP A 236 -9.18 -2.03 45.04
N GLU A 237 -9.37 -1.34 46.18
CA GLU A 237 -10.36 -1.81 47.15
C GLU A 237 -11.77 -1.82 46.61
N HIS A 238 -12.11 -0.92 45.68
CA HIS A 238 -13.48 -0.80 45.19
C HIS A 238 -13.76 -1.79 44.06
N THR A 239 -13.48 -3.05 44.30
CA THR A 239 -13.61 -4.12 43.31
C THR A 239 -14.78 -5.04 43.66
N SER A 240 -15.67 -5.29 42.70
CA SER A 240 -16.83 -6.14 42.92
C SER A 240 -17.13 -6.99 41.69
N LYS A 241 -17.89 -8.06 41.91
CA LYS A 241 -18.37 -8.92 40.83
C LYS A 241 -19.61 -8.31 40.17
N ILE A 242 -19.54 -8.08 38.86
CA ILE A 242 -20.71 -7.64 38.10
C ILE A 242 -21.66 -8.81 37.89
N GLY A 243 -21.13 -9.96 37.53
CA GLY A 243 -21.92 -11.14 37.25
C GLY A 243 -21.00 -12.24 36.81
N GLU A 244 -21.59 -13.37 36.42
CA GLU A 244 -20.77 -14.48 35.99
C GLU A 244 -21.55 -15.34 35.00
N ILE A 245 -20.80 -16.07 34.18
CA ILE A 245 -21.37 -16.94 33.14
C ILE A 245 -20.63 -18.26 33.19
N LYS A 246 -21.36 -19.36 33.25
CA LYS A 246 -20.70 -20.66 33.38
C LYS A 246 -20.01 -21.08 32.09
N ALA A 247 -18.87 -21.73 32.25
CA ALA A 247 -18.24 -22.41 31.13
C ALA A 247 -19.18 -23.49 30.62
N SER A 248 -19.21 -23.67 29.29
CA SER A 248 -20.00 -24.75 28.72
C SER A 248 -19.57 -26.10 29.26
N ASP A 249 -18.27 -26.31 29.41
CA ASP A 249 -17.69 -27.56 29.90
C ASP A 249 -16.87 -27.17 31.13
N PRO A 250 -17.37 -27.42 32.35
CA PRO A 250 -16.66 -26.91 33.53
C PRO A 250 -15.26 -27.45 33.70
N LEU A 251 -14.98 -28.63 33.11
CA LEU A 251 -13.64 -29.20 33.19
C LEU A 251 -12.75 -28.78 32.04
N TYR A 252 -13.30 -28.07 31.05
CA TYR A 252 -12.55 -27.54 29.91
C TYR A 252 -12.99 -26.10 29.62
N PRO A 253 -12.79 -25.19 30.58
CA PRO A 253 -13.10 -23.78 30.33
C PRO A 253 -12.14 -23.17 29.33
N THR A 254 -12.63 -22.16 28.61
CA THR A 254 -11.81 -21.53 27.60
C THR A 254 -10.63 -20.80 28.22
N TYR A 255 -9.48 -20.88 27.55
CA TYR A 255 -8.43 -19.90 27.78
C TYR A 255 -8.94 -18.54 27.33
N MET A 256 -8.48 -17.48 28.00
CA MET A 256 -8.86 -16.13 27.60
C MET A 256 -7.67 -15.19 27.73
N HIS A 257 -7.36 -14.47 26.66
CA HIS A 257 -6.32 -13.45 26.70
C HIS A 257 -6.90 -12.05 26.78
N SER A 258 -7.99 -11.77 26.08
CA SER A 258 -8.62 -10.46 26.17
C SER A 258 -10.12 -10.61 25.99
N PHE A 259 -10.82 -9.49 26.11
CA PHE A 259 -12.25 -9.47 25.97
C PHE A 259 -12.65 -8.09 25.46
N GLY A 260 -13.94 -7.90 25.22
CA GLY A 260 -14.39 -6.63 24.69
C GLY A 260 -15.37 -5.91 25.61
N MET A 261 -15.44 -4.59 25.48
CA MET A 261 -16.38 -3.80 26.29
C MET A 261 -16.97 -2.68 25.45
N SER A 262 -18.30 -2.57 25.46
CA SER A 262 -19.00 -1.43 24.89
C SER A 262 -19.55 -0.58 26.04
N GLU A 263 -20.30 0.47 25.69
CA GLU A 263 -20.85 1.31 26.75
C GLU A 263 -21.63 0.49 27.76
N ASN A 264 -22.41 -0.49 27.30
CA ASN A 264 -23.34 -1.20 28.16
C ASN A 264 -23.02 -2.67 28.36
N TYR A 265 -22.08 -3.25 27.61
CA TYR A 265 -21.87 -4.69 27.61
C TYR A 265 -20.40 -5.05 27.73
N LEU A 266 -20.15 -6.21 28.35
CA LEU A 266 -18.88 -6.91 28.31
C LEU A 266 -19.08 -8.15 27.48
N VAL A 267 -18.09 -8.53 26.67
CA VAL A 267 -18.26 -9.65 25.76
C VAL A 267 -16.97 -10.46 25.69
N MET A 268 -17.13 -11.79 25.67
CA MET A 268 -15.99 -12.70 25.56
C MET A 268 -16.35 -13.81 24.59
N PHE A 269 -15.32 -14.43 23.99
CA PHE A 269 -15.48 -15.63 23.19
C PHE A 269 -15.19 -16.86 24.04
N GLU A 270 -16.02 -17.89 23.91
CA GLU A 270 -15.65 -19.20 24.43
C GLU A 270 -14.91 -19.89 23.30
N SER A 271 -13.58 -19.84 23.37
CA SER A 271 -12.73 -20.17 22.24
C SER A 271 -12.49 -21.68 22.19
N PRO A 272 -11.95 -22.19 21.07
CA PRO A 272 -11.55 -23.60 21.03
C PRO A 272 -10.32 -23.90 21.85
N VAL A 273 -9.56 -22.89 22.28
CA VAL A 273 -8.42 -23.15 23.17
C VAL A 273 -8.99 -23.36 24.57
N ARG A 274 -8.87 -24.58 25.09
CA ARG A 274 -9.47 -24.94 26.36
C ARG A 274 -8.40 -25.35 27.36
N LEU A 275 -8.63 -25.02 28.62
CA LEU A 275 -7.78 -25.51 29.69
C LEU A 275 -8.28 -26.87 30.17
N HIS A 276 -7.39 -27.86 30.15
CA HIS A 276 -7.65 -29.20 30.71
C HIS A 276 -7.54 -29.07 32.22
N LEU A 277 -8.69 -28.75 32.85
CA LEU A 277 -8.69 -28.27 34.23
C LEU A 277 -8.22 -29.33 35.22
N GLN A 278 -8.66 -30.57 35.07
CA GLN A 278 -8.21 -31.58 36.02
C GLN A 278 -6.69 -31.73 35.95
N LYS A 279 -6.12 -31.72 34.74
CA LYS A 279 -4.68 -31.82 34.60
C LYS A 279 -3.96 -30.63 35.21
N TYR A 280 -4.51 -29.41 35.06
CA TYR A 280 -3.87 -28.25 35.65
C TYR A 280 -3.93 -28.29 37.17
N LEU A 281 -5.08 -28.67 37.74
CA LEU A 281 -5.19 -28.71 39.20
C LEU A 281 -4.24 -29.73 39.80
N LEU A 282 -3.89 -30.77 39.04
CA LEU A 282 -2.94 -31.79 39.46
C LEU A 282 -1.54 -31.54 38.92
N SER A 283 -1.27 -30.35 38.36
CA SER A 283 -0.05 -30.16 37.58
C SER A 283 1.22 -30.27 38.41
N GLU A 284 1.16 -30.03 39.72
CA GLU A 284 2.36 -30.19 40.54
C GLU A 284 2.84 -31.63 40.57
N PHE A 285 1.91 -32.59 40.53
CA PHE A 285 2.22 -34.01 40.62
C PHE A 285 2.53 -34.63 39.27
N VAL A 286 1.74 -34.27 38.24
CA VAL A 286 2.00 -34.79 36.90
C VAL A 286 3.05 -33.97 36.17
N ARG A 287 3.58 -32.94 36.82
CA ARG A 287 4.70 -32.15 36.28
C ARG A 287 4.34 -31.55 34.92
N ALA A 288 3.23 -30.82 34.88
CA ALA A 288 2.75 -30.14 33.69
C ALA A 288 2.78 -28.63 33.91
N THR A 289 3.11 -27.90 32.85
CA THR A 289 2.94 -26.45 32.84
C THR A 289 1.51 -26.08 32.44
N TYR A 290 1.14 -24.83 32.73
CA TYR A 290 -0.13 -24.30 32.21
C TYR A 290 -0.22 -24.50 30.71
N HIS A 291 0.89 -24.24 30.02
CA HIS A 291 0.93 -24.43 28.56
C HIS A 291 0.60 -25.88 28.18
N ASP A 292 1.22 -26.86 28.87
CA ASP A 292 0.90 -28.28 28.66
C ASP A 292 -0.59 -28.58 28.80
N CYS A 293 -1.32 -27.80 29.58
CA CYS A 293 -2.72 -28.10 29.86
C CYS A 293 -3.69 -27.47 28.86
N LEU A 294 -3.20 -26.66 27.92
CA LEU A 294 -4.05 -26.12 26.87
C LEU A 294 -4.22 -27.11 25.73
N GLU A 295 -5.44 -27.17 25.19
CA GLU A 295 -5.83 -28.05 24.10
C GLU A 295 -6.66 -27.28 23.10
N TRP A 296 -6.53 -27.66 21.83
CA TRP A 296 -7.34 -27.08 20.76
C TRP A 296 -8.51 -28.03 20.49
N HIS A 297 -9.74 -27.56 20.77
CA HIS A 297 -10.96 -28.34 20.54
C HIS A 297 -11.63 -27.84 19.27
N GLY A 298 -11.06 -28.24 18.13
CA GLY A 298 -11.54 -27.81 16.82
C GLY A 298 -12.91 -28.35 16.45
N ASP A 299 -13.42 -29.32 17.20
CA ASP A 299 -14.71 -29.93 16.91
C ASP A 299 -15.88 -29.15 17.51
N LYS A 300 -15.61 -28.02 18.15
CA LYS A 300 -16.64 -27.25 18.83
C LYS A 300 -16.79 -25.89 18.16
N ASP A 301 -18.03 -25.40 18.10
CA ASP A 301 -18.25 -24.02 17.68
C ASP A 301 -17.79 -23.06 18.78
N VAL A 302 -17.35 -21.88 18.36
CA VAL A 302 -17.14 -20.79 19.29
C VAL A 302 -18.50 -20.23 19.70
N SER A 303 -18.64 -19.86 20.97
CA SER A 303 -19.82 -19.16 21.46
C SER A 303 -19.45 -17.74 21.86
N ILE A 304 -20.39 -16.82 21.70
CA ILE A 304 -20.22 -15.46 22.20
C ILE A 304 -21.03 -15.33 23.48
N PHE A 305 -20.38 -14.95 24.57
CA PHE A 305 -21.02 -14.68 25.85
C PHE A 305 -21.05 -13.16 26.08
N ILE A 306 -22.22 -12.60 26.36
CA ILE A 306 -22.38 -11.17 26.55
C ILE A 306 -23.05 -10.92 27.90
N LEU A 307 -22.48 -10.01 28.69
CA LEU A 307 -23.01 -9.62 30.00
C LEU A 307 -23.39 -8.15 29.97
N ASN A 308 -24.56 -7.84 30.55
CA ASN A 308 -24.99 -6.45 30.70
C ASN A 308 -24.20 -5.82 31.86
N LYS A 309 -23.52 -4.71 31.57
CA LYS A 309 -22.73 -4.03 32.59
C LYS A 309 -23.58 -3.47 33.71
N LYS A 310 -24.84 -3.10 33.44
CA LYS A 310 -25.64 -2.50 34.49
C LYS A 310 -26.34 -3.55 35.34
N THR A 311 -26.97 -4.54 34.70
CA THR A 311 -27.74 -5.54 35.44
C THR A 311 -26.92 -6.76 35.87
N GLY A 312 -25.74 -6.97 35.31
CA GLY A 312 -25.01 -8.19 35.56
C GLY A 312 -25.64 -9.43 34.97
N GLU A 313 -26.63 -9.28 34.10
CA GLU A 313 -27.32 -10.42 33.51
C GLU A 313 -26.74 -10.76 32.14
N GLN A 314 -26.69 -12.05 31.85
CA GLN A 314 -26.23 -12.49 30.53
C GLN A 314 -27.31 -12.26 29.47
N LEU A 315 -26.89 -11.76 28.32
CA LEU A 315 -27.80 -11.58 27.20
C LEU A 315 -28.36 -12.95 26.78
N PRO A 316 -29.70 -13.11 26.67
CA PRO A 316 -30.33 -14.42 26.43
C PRO A 316 -30.39 -14.84 24.97
N LEU A 317 -29.26 -14.81 24.29
CA LEU A 317 -29.19 -15.30 22.91
C LEU A 317 -28.07 -16.32 22.83
N THR A 318 -28.29 -17.37 22.05
CA THR A 318 -27.23 -18.32 21.75
C THR A 318 -26.56 -17.89 20.46
N LEU A 319 -25.25 -17.65 20.53
CA LEU A 319 -24.50 -17.01 19.46
C LEU A 319 -23.33 -17.92 19.13
N LYS A 320 -23.31 -18.44 17.89
CA LYS A 320 -22.32 -19.44 17.49
C LYS A 320 -21.56 -18.98 16.26
N MET A 321 -20.28 -19.38 16.21
CA MET A 321 -19.40 -19.09 15.08
C MET A 321 -18.51 -20.29 14.80
N ASN A 322 -17.97 -20.33 13.59
CA ASN A 322 -16.97 -21.33 13.26
C ASN A 322 -15.74 -21.12 14.15
N PRO A 323 -14.97 -22.19 14.42
CA PRO A 323 -13.83 -22.08 15.34
C PRO A 323 -12.78 -21.07 14.90
N PHE A 324 -12.19 -20.38 15.88
CA PHE A 324 -11.07 -19.45 15.68
C PHE A 324 -10.61 -19.03 17.08
N PHE A 325 -9.47 -18.36 17.14
CA PHE A 325 -8.98 -17.79 18.39
C PHE A 325 -8.56 -16.34 18.16
N THR A 326 -8.69 -15.50 19.17
CA THR A 326 -8.11 -14.15 19.11
C THR A 326 -7.31 -13.89 20.37
N PHE A 327 -6.06 -13.43 20.22
CA PHE A 327 -5.38 -12.88 21.38
C PHE A 327 -6.03 -11.57 21.81
N HIS A 328 -6.25 -10.72 20.83
CA HIS A 328 -6.65 -9.36 21.20
C HIS A 328 -7.89 -8.87 20.48
N HIS A 329 -8.83 -8.43 21.28
CA HIS A 329 -9.89 -7.56 20.78
C HIS A 329 -9.33 -6.19 20.44
N ALA A 330 -9.93 -5.53 19.44
CA ALA A 330 -9.70 -4.11 19.26
C ALA A 330 -10.78 -3.36 20.03
N ASN A 331 -11.47 -2.42 19.40
CA ASN A 331 -12.55 -1.70 20.06
C ASN A 331 -13.86 -2.47 19.88
N THR A 332 -14.86 -2.09 20.68
CA THR A 332 -16.17 -2.74 20.69
C THR A 332 -17.19 -1.65 20.92
N PHE A 333 -18.29 -1.67 20.17
CA PHE A 333 -19.25 -0.59 20.38
C PHE A 333 -20.66 -1.04 19.95
N GLU A 334 -21.67 -0.29 20.42
CA GLU A 334 -23.06 -0.55 20.08
C GLU A 334 -23.51 0.39 18.96
N LYS A 335 -24.28 -0.15 18.01
CA LYS A 335 -24.81 0.68 16.94
C LYS A 335 -26.07 0.02 16.41
N ASP A 336 -27.18 0.77 16.39
CA ASP A 336 -28.43 0.31 15.77
C ASP A 336 -28.88 -1.05 16.34
N GLY A 337 -28.73 -1.21 17.65
CA GLY A 337 -29.17 -2.42 18.30
C GLY A 337 -28.25 -3.61 18.08
N CYS A 338 -27.06 -3.37 17.54
CA CYS A 338 -26.08 -4.42 17.34
C CYS A 338 -24.84 -4.16 18.19
N LEU A 339 -24.11 -5.23 18.50
CA LEU A 339 -22.84 -5.13 19.20
C LEU A 339 -21.75 -5.45 18.18
N VAL A 340 -20.89 -4.48 17.90
CA VAL A 340 -19.85 -4.60 16.89
C VAL A 340 -18.55 -4.95 17.60
N MET A 341 -17.91 -6.05 17.18
CA MET A 341 -16.70 -6.54 17.82
C MET A 341 -15.59 -6.65 16.79
N ASP A 342 -14.50 -5.91 17.00
CA ASP A 342 -13.29 -6.04 16.19
C ASP A 342 -12.22 -6.76 16.99
N TYR A 343 -11.44 -7.59 16.33
CA TYR A 343 -10.46 -8.43 17.01
C TYR A 343 -9.58 -9.02 15.94
N CYS A 344 -8.41 -9.49 16.36
CA CYS A 344 -7.45 -10.10 15.44
C CYS A 344 -7.64 -11.61 15.46
N ARG A 345 -8.12 -12.15 14.36
CA ARG A 345 -8.60 -13.54 14.28
C ARG A 345 -7.48 -14.46 13.81
N ILE A 346 -7.28 -15.57 14.53
CA ILE A 346 -6.35 -16.63 14.14
C ILE A 346 -7.16 -17.87 13.81
N GLU A 347 -6.90 -18.49 12.65
CA GLU A 347 -7.70 -19.63 12.23
C GLU A 347 -7.53 -20.82 13.17
N ASN A 348 -6.29 -21.16 13.51
CA ASN A 348 -6.03 -22.31 14.35
C ASN A 348 -4.81 -21.96 15.20
N ALA A 349 -5.06 -21.59 16.45
CA ALA A 349 -3.97 -21.24 17.36
C ALA A 349 -3.31 -22.44 17.99
N GLY A 350 -3.89 -23.64 17.83
CA GLY A 350 -3.38 -24.82 18.50
C GLY A 350 -3.35 -24.62 20.00
N LYS A 351 -2.22 -24.94 20.61
CA LYS A 351 -1.97 -24.63 22.01
C LYS A 351 -0.80 -23.67 22.17
N PHE A 352 -0.59 -22.82 21.17
CA PHE A 352 0.44 -21.78 21.16
C PHE A 352 1.85 -22.34 21.02
N ASP A 353 2.02 -23.58 20.54
CA ASP A 353 3.39 -24.08 20.33
C ASP A 353 4.15 -23.26 19.30
N THR A 354 3.45 -22.51 18.44
CA THR A 354 4.11 -21.66 17.46
C THR A 354 5.03 -20.65 18.11
N LEU A 355 4.72 -20.25 19.35
CA LEU A 355 5.47 -19.24 20.08
C LEU A 355 6.39 -19.85 21.14
N LEU A 356 6.67 -21.15 21.06
CA LEU A 356 7.79 -21.69 21.82
C LEU A 356 9.08 -21.03 21.34
N ILE A 357 9.99 -20.79 22.28
CA ILE A 357 11.21 -20.06 21.95
C ILE A 357 12.01 -20.80 20.88
N SER A 358 11.96 -22.12 20.88
CA SER A 358 12.71 -22.88 19.87
C SER A 358 12.16 -22.60 18.48
N ASN A 359 10.84 -22.38 18.35
CA ASN A 359 10.25 -22.12 17.05
C ASN A 359 10.37 -20.65 16.65
N MET A 360 10.59 -19.75 17.62
CA MET A 360 10.83 -18.36 17.29
C MET A 360 12.29 -18.11 16.93
N LYS A 361 13.22 -18.82 17.57
CA LYS A 361 14.64 -18.63 17.26
C LYS A 361 14.92 -18.86 15.77
N THR A 362 14.24 -19.82 15.16
CA THR A 362 14.44 -20.10 13.75
C THR A 362 13.76 -19.09 12.84
N GLY A 363 12.91 -18.23 13.38
CA GLY A 363 12.10 -17.35 12.56
C GLY A 363 10.91 -18.02 11.91
N GLU A 364 10.75 -19.33 12.07
CA GLU A 364 9.72 -20.06 11.35
C GLU A 364 8.33 -19.77 11.86
N PHE A 365 8.20 -19.24 13.08
CA PHE A 365 6.88 -18.84 13.57
C PHE A 365 6.20 -17.86 12.62
N GLN A 366 6.97 -17.07 11.89
CA GLN A 366 6.38 -16.04 11.05
C GLN A 366 5.64 -16.59 9.82
N TYR A 367 5.77 -17.89 9.52
CA TYR A 367 5.23 -18.47 8.30
C TYR A 367 4.25 -19.60 8.59
N ASP A 368 3.75 -19.68 9.82
CA ASP A 368 2.73 -20.65 10.20
C ASP A 368 1.38 -20.08 9.79
N ALA A 369 0.93 -20.44 8.58
CA ALA A 369 -0.19 -19.74 7.95
C ALA A 369 -1.45 -19.81 8.80
N LYS A 370 -1.77 -20.98 9.34
CA LYS A 370 -2.99 -21.08 10.11
C LYS A 370 -2.93 -20.31 11.43
N PHE A 371 -1.73 -19.94 11.90
CA PHE A 371 -1.57 -19.21 13.15
C PHE A 371 -1.60 -17.70 12.97
N LEU A 372 -1.51 -17.18 11.74
CA LEU A 372 -1.34 -15.73 11.59
C LEU A 372 -2.67 -15.01 11.87
N PRO A 373 -2.60 -13.85 12.51
CA PRO A 373 -3.83 -13.10 12.86
C PRO A 373 -4.24 -12.10 11.79
N TYR A 374 -5.55 -11.92 11.66
CA TYR A 374 -6.06 -10.91 10.72
C TYR A 374 -7.18 -10.13 11.39
N LEU A 375 -7.12 -8.81 11.29
CA LEU A 375 -8.17 -7.96 11.84
C LEU A 375 -9.51 -8.29 11.22
N THR A 376 -10.51 -8.44 12.08
CA THR A 376 -11.76 -9.09 11.71
C THR A 376 -12.89 -8.43 12.49
N ARG A 377 -14.05 -8.35 11.86
CA ARG A 377 -15.23 -7.76 12.50
C ARG A 377 -16.38 -8.76 12.51
N VAL A 378 -17.08 -8.83 13.63
CA VAL A 378 -18.35 -9.57 13.71
C VAL A 378 -19.39 -8.64 14.33
N ILE A 379 -20.65 -8.83 13.93
CA ILE A 379 -21.72 -7.92 14.31
C ILE A 379 -22.86 -8.75 14.91
N VAL A 380 -23.16 -8.51 16.17
CA VAL A 380 -24.09 -9.32 16.94
C VAL A 380 -25.42 -8.57 17.02
N PRO A 381 -26.51 -9.11 16.50
CA PRO A 381 -27.83 -8.53 16.79
C PRO A 381 -28.16 -8.78 18.26
N MET A 382 -28.53 -7.72 18.98
CA MET A 382 -28.82 -7.85 20.40
C MET A 382 -30.29 -8.19 20.66
N SER A 383 -31.11 -8.25 19.62
CA SER A 383 -32.47 -8.74 19.71
C SER A 383 -32.86 -9.36 18.39
N VAL A 384 -33.86 -10.22 18.43
CA VAL A 384 -34.42 -10.83 17.23
C VAL A 384 -35.85 -10.30 17.08
N SER A 385 -36.14 -9.71 15.92
CA SER A 385 -37.46 -9.14 15.68
C SER A 385 -38.50 -10.25 15.52
N SER A 386 -39.75 -9.91 15.87
CA SER A 386 -40.82 -10.91 15.83
C SER A 386 -41.11 -11.38 14.41
N SER A 387 -40.88 -10.53 13.40
CA SER A 387 -41.12 -10.89 12.01
C SER A 387 -39.99 -11.71 11.40
N ALA A 388 -38.88 -11.92 12.11
CA ALA A 388 -37.74 -12.64 11.53
C ALA A 388 -38.03 -14.14 11.52
N LYS A 389 -37.60 -14.80 10.45
CA LYS A 389 -37.80 -16.22 10.20
C LYS A 389 -36.45 -16.92 10.11
N PRO A 390 -36.36 -18.20 10.48
CA PRO A 390 -35.08 -18.92 10.32
C PRO A 390 -34.57 -18.82 8.89
N GLY A 391 -33.24 -18.66 8.75
CA GLY A 391 -32.61 -18.39 7.49
C GLY A 391 -32.42 -16.93 7.17
N ASP A 392 -33.16 -16.05 7.85
CA ASP A 392 -32.98 -14.62 7.63
C ASP A 392 -31.63 -14.15 8.15
N ASN A 393 -30.95 -13.33 7.36
CA ASN A 393 -29.80 -12.57 7.86
C ASN A 393 -30.34 -11.38 8.65
N LEU A 394 -30.24 -11.45 9.98
CA LEU A 394 -30.75 -10.37 10.82
C LEU A 394 -30.07 -9.03 10.56
N LEU A 395 -28.98 -9.02 9.80
CA LEU A 395 -28.26 -7.79 9.45
C LEU A 395 -28.67 -7.23 8.11
N LYS A 396 -29.60 -7.88 7.40
CA LYS A 396 -29.90 -7.48 6.03
C LYS A 396 -30.40 -6.04 5.99
N SER A 397 -31.08 -5.58 7.04
CA SER A 397 -31.58 -4.22 7.09
C SER A 397 -30.57 -3.26 7.69
N VAL A 398 -29.37 -3.74 7.99
CA VAL A 398 -28.28 -2.91 8.51
C VAL A 398 -27.30 -2.64 7.38
N PRO A 399 -27.38 -1.48 6.72
CA PRO A 399 -26.55 -1.26 5.52
C PRO A 399 -25.05 -1.32 5.81
N TRP A 400 -24.60 -0.69 6.89
CA TRP A 400 -23.17 -0.63 7.20
C TRP A 400 -22.59 -1.98 7.60
N ALA A 401 -23.42 -3.02 7.70
CA ALA A 401 -22.99 -4.34 8.13
C ALA A 401 -22.66 -5.27 6.98
N SER A 402 -22.55 -4.74 5.75
CA SER A 402 -22.21 -5.56 4.60
CA SER A 402 -22.21 -5.56 4.60
C SER A 402 -20.91 -6.34 4.83
N GLY A 403 -20.91 -7.62 4.46
CA GLY A 403 -19.78 -8.48 4.67
C GLY A 403 -19.83 -9.30 5.93
N CYS A 404 -20.73 -8.97 6.85
CA CYS A 404 -21.08 -9.82 7.98
C CYS A 404 -22.50 -10.33 7.81
N THR A 405 -22.74 -11.55 8.26
CA THR A 405 -24.10 -12.08 8.30
C THR A 405 -24.32 -12.66 9.67
N SER A 406 -25.53 -12.49 10.19
CA SER A 406 -25.92 -13.10 11.46
C SER A 406 -27.29 -13.75 11.21
N ILE A 407 -27.29 -15.06 10.99
CA ILE A 407 -28.44 -15.75 10.42
C ILE A 407 -29.21 -16.45 11.54
N LEU A 408 -30.50 -16.14 11.63
CA LEU A 408 -31.36 -16.80 12.60
C LEU A 408 -31.49 -18.28 12.25
N GLN A 409 -31.36 -19.14 13.26
CA GLN A 409 -31.45 -20.58 13.07
C GLN A 409 -32.82 -21.10 13.45
N ASP A 410 -33.04 -22.36 13.09
CA ASP A 410 -34.28 -23.08 13.37
C ASP A 410 -34.59 -23.12 14.85
N ASP A 411 -33.58 -23.29 15.69
CA ASP A 411 -33.75 -23.43 17.14
C ASP A 411 -33.70 -22.09 17.87
N GLY A 412 -33.69 -20.98 17.15
CA GLY A 412 -33.63 -19.67 17.76
C GLY A 412 -32.23 -19.12 18.00
N SER A 413 -31.20 -19.93 17.79
CA SER A 413 -29.85 -19.41 17.92
C SER A 413 -29.48 -18.58 16.70
N ILE A 414 -28.31 -17.96 16.75
CA ILE A 414 -27.82 -17.14 15.66
C ILE A 414 -26.43 -17.63 15.30
N ARG A 415 -26.18 -17.77 14.01
CA ARG A 415 -24.85 -18.11 13.51
C ARG A 415 -24.28 -16.88 12.83
N LEU A 416 -23.05 -16.51 13.22
CA LEU A 416 -22.43 -15.27 12.78
C LEU A 416 -21.22 -15.57 11.90
N THR A 417 -21.13 -14.85 10.79
CA THR A 417 -19.96 -14.90 9.94
C THR A 417 -19.32 -13.52 9.95
N GLU A 418 -18.00 -13.50 9.76
CA GLU A 418 -17.21 -12.31 9.99
C GLU A 418 -16.75 -11.71 8.68
N ARG A 419 -16.24 -10.50 8.80
CA ARG A 419 -15.63 -9.81 7.66
C ARG A 419 -14.15 -9.60 8.00
N ARG A 420 -13.27 -10.09 7.13
CA ARG A 420 -11.85 -9.77 7.31
C ARG A 420 -11.64 -8.32 6.88
N VAL A 421 -11.16 -7.50 7.82
CA VAL A 421 -11.06 -6.07 7.59
C VAL A 421 -9.86 -5.74 6.73
N CYS A 422 -8.74 -6.44 6.93
CA CYS A 422 -7.51 -6.12 6.25
C CYS A 422 -6.81 -7.42 5.90
N GLU A 423 -6.26 -7.49 4.68
CA GLU A 423 -5.58 -8.71 4.25
C GLU A 423 -4.15 -8.80 4.77
N THR A 424 -3.59 -7.71 5.28
CA THR A 424 -2.27 -7.76 5.89
C THR A 424 -2.39 -8.29 7.32
N SER A 425 -1.71 -9.40 7.60
CA SER A 425 -1.76 -9.98 8.94
C SER A 425 -1.25 -8.96 9.95
N MET A 426 -1.98 -8.84 11.08
CA MET A 426 -1.64 -7.84 12.09
C MET A 426 -2.11 -8.30 13.47
N GLU A 427 -1.49 -7.75 14.49
CA GLU A 427 -1.88 -8.01 15.88
C GLU A 427 -1.43 -6.81 16.70
N PHE A 428 -1.47 -6.96 18.02
CA PHE A 428 -1.28 -5.87 18.97
C PHE A 428 -2.10 -4.64 18.55
N PRO A 429 -3.41 -4.80 18.37
CA PRO A 429 -4.22 -3.68 17.87
C PRO A 429 -4.36 -2.60 18.93
N ARG A 430 -4.34 -1.34 18.46
CA ARG A 430 -4.59 -0.17 19.31
C ARG A 430 -5.42 0.84 18.52
N TYR A 431 -6.05 1.76 19.24
CA TYR A 431 -6.93 2.75 18.61
C TYR A 431 -6.91 4.02 19.45
N HIS A 432 -7.66 5.04 18.98
CA HIS A 432 -7.67 6.36 19.62
C HIS A 432 -8.63 6.32 20.81
N TRP A 433 -8.13 5.76 21.90
CA TRP A 433 -8.95 5.47 23.07
C TRP A 433 -9.63 6.72 23.61
N GLU A 434 -8.92 7.85 23.64
CA GLU A 434 -9.44 9.07 24.24
C GLU A 434 -10.71 9.57 23.55
N LYS A 435 -10.79 9.38 22.23
CA LYS A 435 -11.90 9.94 21.46
C LYS A 435 -13.02 8.93 21.23
N ILE A 436 -12.71 7.67 20.96
CA ILE A 436 -13.74 6.76 20.46
C ILE A 436 -13.77 5.42 21.18
N ASN A 437 -13.14 5.30 22.35
CA ASN A 437 -13.34 4.08 23.12
C ASN A 437 -14.85 3.84 23.32
N MET A 438 -15.30 2.62 23.00
CA MET A 438 -16.69 2.19 23.14
C MET A 438 -17.63 2.90 22.18
N LYS A 439 -17.10 3.55 21.15
CA LYS A 439 -17.89 4.24 20.12
C LYS A 439 -17.50 3.76 18.73
N GLU A 440 -18.41 4.02 17.77
CA GLU A 440 -18.09 3.75 16.38
C GLU A 440 -16.82 4.50 15.98
N TYR A 441 -15.99 3.86 15.17
CA TYR A 441 -14.66 4.40 14.89
C TYR A 441 -14.16 3.86 13.56
N ARG A 442 -13.05 4.44 13.09
CA ARG A 442 -12.58 4.15 11.75
C ARG A 442 -11.26 3.39 11.70
N TYR A 443 -10.36 3.54 12.68
CA TYR A 443 -9.00 3.06 12.47
C TYR A 443 -8.54 2.12 13.59
N VAL A 444 -7.83 1.08 13.19
CA VAL A 444 -7.09 0.22 14.10
C VAL A 444 -5.63 0.22 13.64
N PHE A 445 -4.71 0.48 14.57
CA PHE A 445 -3.29 0.42 14.27
C PHE A 445 -2.73 -0.87 14.83
N GLY A 446 -1.85 -1.54 14.09
CA GLY A 446 -1.35 -2.79 14.61
C GLY A 446 0.03 -3.06 14.07
N SER A 447 0.61 -4.15 14.54
CA SER A 447 1.96 -4.58 14.17
C SER A 447 1.91 -5.91 13.45
N THR A 448 2.90 -6.16 12.57
CA THR A 448 2.99 -7.42 11.85
C THR A 448 3.97 -8.41 12.49
N VAL A 449 4.29 -8.22 13.78
CA VAL A 449 5.33 -9.04 14.42
C VAL A 449 5.05 -10.54 14.31
N PHE A 450 3.77 -10.95 14.30
CA PHE A 450 3.47 -12.38 14.22
C PHE A 450 3.97 -13.01 12.92
N GLY A 451 4.09 -12.25 11.83
CA GLY A 451 4.64 -12.78 10.59
C GLY A 451 3.75 -12.45 9.40
N ARG A 452 4.01 -13.14 8.29
CA ARG A 452 3.28 -12.94 7.04
C ARG A 452 3.66 -14.09 6.11
N ILE A 453 2.70 -14.54 5.29
CA ILE A 453 2.97 -15.61 4.34
C ILE A 453 2.98 -15.13 2.91
N ASP A 454 2.73 -13.84 2.67
CA ASP A 454 2.67 -13.26 1.33
C ASP A 454 3.86 -12.37 1.02
N GLY A 455 4.92 -12.43 1.83
CA GLY A 455 6.12 -11.64 1.64
C GLY A 455 5.98 -10.15 1.85
N ASN A 456 4.90 -9.67 2.44
CA ASN A 456 4.73 -8.22 2.51
C ASN A 456 5.79 -7.60 3.44
N LEU A 457 6.09 -6.34 3.17
CA LEU A 457 7.12 -5.63 3.92
C LEU A 457 6.54 -4.81 5.06
N ALA A 458 5.22 -4.87 5.25
CA ALA A 458 4.56 -4.01 6.22
C ALA A 458 5.08 -4.28 7.64
N GLY A 459 5.24 -3.21 8.39
CA GLY A 459 5.59 -3.29 9.80
C GLY A 459 4.45 -2.81 10.68
N VAL A 460 3.90 -1.64 10.35
CA VAL A 460 2.75 -1.06 11.03
C VAL A 460 1.61 -0.94 10.03
N VAL A 461 0.40 -1.30 10.45
CA VAL A 461 -0.79 -1.25 9.61
C VAL A 461 -1.78 -0.29 10.26
N LYS A 462 -2.34 0.61 9.48
CA LYS A 462 -3.46 1.45 9.89
C LYS A 462 -4.65 0.95 9.07
N ALA A 463 -5.47 0.13 9.70
CA ALA A 463 -6.58 -0.49 9.01
C ALA A 463 -7.79 0.43 9.03
N ASP A 464 -8.46 0.53 7.89
CA ASP A 464 -9.63 1.39 7.69
C ASP A 464 -10.87 0.51 7.78
N LEU A 465 -11.67 0.71 8.83
CA LEU A 465 -12.85 -0.11 9.08
C LEU A 465 -14.06 0.30 8.25
N LYS A 466 -14.05 1.49 7.64
CA LYS A 466 -15.22 1.95 6.91
C LYS A 466 -15.05 1.91 5.39
N PHE A 467 -13.87 2.20 4.84
CA PHE A 467 -13.70 2.21 3.39
C PHE A 467 -12.54 1.36 2.89
N GLY A 468 -11.87 0.63 3.77
CA GLY A 468 -10.81 -0.23 3.29
C GLY A 468 -9.58 0.45 2.71
N ASN A 469 -9.43 1.77 2.87
CA ASN A 469 -8.20 2.42 2.41
C ASN A 469 -7.16 2.33 3.53
N HIS A 470 -6.47 1.19 3.58
CA HIS A 470 -5.48 0.94 4.62
C HIS A 470 -4.14 1.57 4.28
N LEU A 471 -3.42 2.03 5.31
CA LEU A 471 -2.07 2.53 5.16
C LEU A 471 -1.07 1.61 5.86
N ILE A 472 0.18 1.65 5.41
CA ILE A 472 1.24 0.83 6.01
C ILE A 472 2.49 1.66 6.19
N TRP A 473 3.29 1.29 7.18
CA TRP A 473 4.69 1.68 7.27
C TRP A 473 5.52 0.42 7.12
N ASN A 474 6.47 0.43 6.19
CA ASN A 474 7.23 -0.76 5.86
C ASN A 474 8.51 -0.86 6.69
N ARG A 475 8.79 -2.07 7.15
CA ARG A 475 10.11 -2.36 7.71
C ARG A 475 11.15 -2.03 6.65
N GLU A 476 12.23 -1.38 7.07
CA GLU A 476 13.23 -0.90 6.12
C GLU A 476 14.19 -2.00 5.69
N ASN A 477 14.33 -3.04 6.49
CA ASN A 477 15.21 -4.16 6.19
C ASN A 477 14.72 -5.37 6.97
N PRO A 478 15.26 -6.55 6.72
CA PRO A 478 14.75 -7.75 7.41
C PRO A 478 15.14 -7.83 8.89
N HIS A 479 15.89 -6.88 9.44
CA HIS A 479 16.29 -6.94 10.83
C HIS A 479 15.39 -6.12 11.73
N GLN A 480 14.42 -5.40 11.16
CA GLN A 480 13.52 -4.56 11.94
C GLN A 480 12.23 -5.31 12.22
N ILE A 481 11.74 -5.20 13.45
CA ILE A 481 10.52 -5.85 13.91
C ILE A 481 9.68 -4.79 14.63
N CYS A 482 8.42 -4.63 14.22
CA CYS A 482 7.60 -3.56 14.78
C CYS A 482 6.88 -4.00 16.05
N GLY A 483 6.99 -3.19 17.09
CA GLY A 483 6.27 -3.40 18.32
C GLY A 483 4.87 -2.82 18.22
N GLU A 484 4.19 -2.84 19.35
CA GLU A 484 2.81 -2.33 19.43
C GLU A 484 2.77 -0.84 19.17
N PRO A 485 1.99 -0.36 18.20
CA PRO A 485 1.90 1.09 17.98
C PRO A 485 0.93 1.72 18.98
N ILE A 486 1.32 2.86 19.55
CA ILE A 486 0.48 3.60 20.50
C ILE A 486 0.08 4.92 19.88
N PHE A 487 -1.21 5.23 19.90
CA PHE A 487 -1.71 6.50 19.39
C PHE A 487 -1.73 7.56 20.47
N VAL A 488 -1.13 8.70 20.18
CA VAL A 488 -1.09 9.86 21.06
C VAL A 488 -1.81 10.99 20.34
N PRO A 489 -2.91 11.51 20.88
CA PRO A 489 -3.69 12.50 20.12
C PRO A 489 -3.09 13.90 20.21
N ASN A 490 -3.26 14.63 19.12
CA ASN A 490 -3.11 16.08 19.14
C ASN A 490 -4.25 16.67 19.96
N PRO A 491 -3.96 17.39 21.06
CA PRO A 491 -5.07 17.97 21.84
C PRO A 491 -5.88 19.00 21.07
N GLU A 492 -5.24 19.67 20.11
CA GLU A 492 -5.90 20.65 19.25
C GLU A 492 -6.57 20.01 18.03
N GLY A 493 -6.60 18.67 17.95
CA GLY A 493 -7.11 18.01 16.77
C GLY A 493 -8.59 17.67 16.88
N ILE A 494 -9.19 17.33 15.74
CA ILE A 494 -10.59 16.96 15.70
C ILE A 494 -10.80 15.58 15.09
N GLU A 495 -10.06 15.24 14.03
CA GLU A 495 -10.27 13.96 13.36
C GLU A 495 -9.68 12.81 14.18
N GLU A 496 -10.20 11.61 13.94
CA GLU A 496 -9.78 10.45 14.73
C GLU A 496 -8.28 10.18 14.60
N ASP A 497 -7.70 10.43 13.43
CA ASP A 497 -6.28 10.12 13.23
C ASP A 497 -5.38 11.35 13.34
N ASP A 498 -5.87 12.43 13.96
CA ASP A 498 -5.01 13.60 14.18
C ASP A 498 -4.19 13.36 15.44
N GLY A 499 -2.97 12.86 15.25
CA GLY A 499 -2.07 12.55 16.36
C GLY A 499 -0.84 11.88 15.79
N ILE A 500 -0.07 11.23 16.66
CA ILE A 500 1.10 10.49 16.21
C ILE A 500 1.01 9.07 16.75
N LEU A 501 1.82 8.19 16.17
CA LEU A 501 2.02 6.85 16.69
C LEU A 501 3.43 6.75 17.26
N ILE A 502 3.53 6.17 18.45
CA ILE A 502 4.82 5.76 19.02
C ILE A 502 4.97 4.27 18.74
N VAL A 503 6.03 3.89 18.04
CA VAL A 503 6.22 2.48 17.69
C VAL A 503 7.64 2.03 18.06
N PRO A 504 7.82 1.15 19.04
CA PRO A 504 9.15 0.58 19.29
C PRO A 504 9.54 -0.29 18.13
N ILE A 505 10.75 -0.08 17.59
CA ILE A 505 11.26 -0.88 16.49
C ILE A 505 12.38 -1.73 17.07
N MET A 506 12.10 -3.00 17.30
CA MET A 506 13.09 -3.95 17.77
C MET A 506 14.02 -4.36 16.62
N SER A 507 15.19 -4.85 16.98
CA SER A 507 16.20 -5.24 16.00
C SER A 507 16.67 -6.65 16.27
N SER A 508 16.75 -7.47 15.22
CA SER A 508 17.34 -8.79 15.35
C SER A 508 18.74 -8.85 14.73
N SER A 509 19.45 -7.72 14.70
CA SER A 509 20.78 -7.74 14.12
C SER A 509 21.62 -6.61 14.69
N GLU A 510 22.90 -6.91 14.93
CA GLU A 510 23.84 -5.86 15.31
C GLU A 510 24.04 -4.83 14.21
N LYS A 511 23.60 -5.12 12.98
CA LYS A 511 23.70 -4.15 11.91
C LYS A 511 22.60 -3.10 11.99
N GLN A 512 21.65 -3.26 12.91
CA GLN A 512 20.50 -2.37 13.05
C GLN A 512 20.34 -1.97 14.51
N VAL A 513 20.52 -0.70 14.80
CA VAL A 513 20.27 -0.20 16.16
C VAL A 513 18.77 -0.14 16.41
N PRO A 514 18.26 -0.56 17.56
CA PRO A 514 16.85 -0.38 17.88
C PRO A 514 16.49 1.09 17.97
N PHE A 515 15.21 1.40 17.73
CA PHE A 515 14.80 2.79 17.79
C PHE A 515 13.30 2.89 18.05
N VAL A 516 12.88 4.06 18.50
CA VAL A 516 11.45 4.39 18.62
C VAL A 516 11.08 5.25 17.43
N LEU A 517 10.07 4.82 16.69
CA LEU A 517 9.61 5.47 15.48
C LEU A 517 8.39 6.35 15.79
N ILE A 518 8.41 7.60 15.34
CA ILE A 518 7.28 8.52 15.54
C ILE A 518 6.64 8.77 14.17
N LEU A 519 5.39 8.33 13.99
CA LEU A 519 4.69 8.45 12.72
C LEU A 519 3.56 9.45 12.84
N ASP A 520 3.35 10.26 11.79
CA ASP A 520 2.09 10.98 11.66
C ASP A 520 0.98 9.96 11.47
N ALA A 521 0.01 9.95 12.39
CA ALA A 521 -1.03 8.92 12.33
C ALA A 521 -1.95 9.09 11.12
N LYS A 522 -1.98 10.29 10.54
CA LYS A 522 -2.85 10.52 9.39
C LYS A 522 -2.33 9.80 8.16
N THR A 523 -1.01 9.84 7.95
CA THR A 523 -0.37 9.39 6.72
C THR A 523 0.56 8.21 6.92
N LEU A 524 0.91 7.89 8.18
CA LEU A 524 1.98 6.94 8.53
C LEU A 524 3.32 7.36 7.97
N GLU A 525 3.50 8.66 7.73
CA GLU A 525 4.80 9.18 7.33
C GLU A 525 5.62 9.47 8.58
N GLU A 526 6.90 9.06 8.55
CA GLU A 526 7.74 9.26 9.72
C GLU A 526 8.04 10.75 9.92
N THR A 527 7.93 11.23 11.15
CA THR A 527 8.41 12.57 11.45
C THR A 527 9.67 12.58 12.27
N ALA A 528 9.91 11.51 13.05
CA ALA A 528 11.12 11.45 13.86
C ALA A 528 11.41 10.00 14.21
N ARG A 529 12.66 9.74 14.58
CA ARG A 529 13.01 8.50 15.26
C ARG A 529 14.03 8.79 16.34
N PHE A 530 14.02 7.96 17.37
CA PHE A 530 14.94 8.09 18.50
C PHE A 530 15.72 6.78 18.61
N GLU A 531 17.03 6.84 18.40
CA GLU A 531 17.87 5.65 18.46
C GLU A 531 18.13 5.26 19.92
N ILE A 532 17.92 4.00 20.24
CA ILE A 532 18.12 3.52 21.61
C ILE A 532 19.62 3.34 21.85
N PRO A 533 20.19 3.89 22.93
CA PRO A 533 21.64 3.74 23.15
C PRO A 533 22.02 2.41 23.77
N GLU A 534 21.36 1.35 23.35
CA GLU A 534 21.65 -0.01 23.76
C GLU A 534 21.57 -0.90 22.54
N ALA A 535 22.19 -2.08 22.63
CA ALA A 535 22.25 -2.97 21.48
C ALA A 535 20.88 -3.57 21.14
N ARG A 536 20.01 -3.72 22.14
CA ARG A 536 18.76 -4.44 21.93
C ARG A 536 17.66 -3.83 22.79
N ILE A 537 16.42 -3.93 22.33
CA ILE A 537 15.25 -3.84 23.22
C ILE A 537 14.48 -5.16 23.12
N PRO A 538 13.71 -5.56 24.13
CA PRO A 538 13.12 -6.90 24.11
C PRO A 538 12.08 -7.08 23.01
N LEU A 539 11.96 -8.34 22.57
CA LEU A 539 10.82 -8.82 21.76
C LEU A 539 9.63 -8.86 22.71
N GLY A 540 9.04 -7.69 22.94
CA GLY A 540 8.22 -7.45 24.10
C GLY A 540 6.74 -7.55 23.81
N PHE A 541 5.97 -7.12 24.79
CA PHE A 541 4.52 -7.25 24.65
C PHE A 541 3.90 -5.86 24.59
N HIS A 542 3.24 -5.42 25.65
CA HIS A 542 2.37 -4.26 25.58
C HIS A 542 2.99 -3.06 26.27
N ALA A 543 2.51 -1.88 25.89
CA ALA A 543 3.01 -0.65 26.49
C ALA A 543 1.83 0.27 26.81
N PHE A 544 2.09 1.19 27.75
CA PHE A 544 1.11 2.16 28.21
C PHE A 544 1.73 3.55 28.14
N TYR A 545 1.05 4.49 27.47
CA TYR A 545 1.54 5.86 27.39
C TYR A 545 0.74 6.73 28.35
N LYS A 546 1.43 7.33 29.31
CA LYS A 546 0.78 8.23 30.27
C LYS A 546 1.16 9.65 29.93
N PRO A 547 0.23 10.48 29.48
CA PRO A 547 0.61 11.85 29.11
C PRO A 547 0.96 12.66 30.34
N LYS A 548 1.86 13.62 30.16
CA LYS A 548 2.17 14.53 31.26
C LYS A 548 1.01 15.48 31.51
N ASN A 549 0.34 15.86 30.43
CA ASN A 549 -0.93 16.59 30.43
C ASN A 549 -1.38 16.73 28.98
N MET B 21 -23.42 22.65 -29.97
CA MET B 21 -22.66 21.92 -28.95
C MET B 21 -23.50 21.62 -27.70
N GLU B 22 -23.44 20.36 -27.27
CA GLU B 22 -24.22 19.89 -26.15
C GLU B 22 -23.78 20.58 -24.86
N ALA B 23 -24.71 20.70 -23.92
CA ALA B 23 -24.35 21.33 -22.64
C ALA B 23 -23.45 20.43 -21.81
N GLU B 24 -23.56 19.11 -22.01
CA GLU B 24 -22.90 18.15 -21.14
C GLU B 24 -22.53 16.92 -21.96
N GLY B 25 -21.45 16.26 -21.56
CA GLY B 25 -21.05 14.99 -22.13
C GLY B 25 -19.78 15.08 -22.96
N PHE B 26 -19.25 13.89 -23.24
CA PHE B 26 -18.06 13.80 -24.08
C PHE B 26 -18.22 14.35 -25.50
N PRO B 27 -19.41 14.36 -26.12
CA PRO B 27 -19.53 15.03 -27.42
C PRO B 27 -19.05 16.48 -27.42
N ARG B 28 -19.08 17.17 -26.27
CA ARG B 28 -18.57 18.53 -26.20
C ARG B 28 -17.12 18.61 -26.63
N LEU B 29 -16.34 17.60 -26.27
CA LEU B 29 -14.91 17.61 -26.50
C LEU B 29 -14.55 17.30 -27.95
N PHE B 30 -15.52 16.89 -28.76
CA PHE B 30 -15.25 16.51 -30.14
C PHE B 30 -15.78 17.52 -31.16
N HIS B 31 -16.26 18.68 -30.70
CA HIS B 31 -16.44 19.79 -31.63
C HIS B 31 -15.13 20.51 -31.84
N ASN B 32 -14.97 21.10 -33.03
CA ASN B 32 -13.72 21.75 -33.40
C ASN B 32 -13.38 22.86 -32.43
N PHE B 33 -12.11 22.95 -32.09
CA PHE B 33 -11.60 24.03 -31.27
C PHE B 33 -11.27 25.23 -32.14
N GLU B 34 -11.31 26.40 -31.51
CA GLU B 34 -10.98 27.67 -32.15
C GLU B 34 -9.69 28.21 -31.55
N ASN B 35 -8.90 28.89 -32.37
CA ASN B 35 -7.65 29.47 -31.92
C ASN B 35 -7.89 30.47 -30.79
N VAL B 36 -6.99 30.48 -29.83
CA VAL B 36 -6.92 31.52 -28.80
C VAL B 36 -5.55 32.15 -28.96
N PRO B 37 -5.36 33.09 -29.87
CA PRO B 37 -4.00 33.46 -30.29
C PRO B 37 -3.18 34.21 -29.22
N GLU B 38 -3.81 35.05 -28.41
CA GLU B 38 -3.06 35.83 -27.43
C GLU B 38 -3.21 35.25 -26.03
N PRO B 39 -2.12 35.13 -25.28
CA PRO B 39 -2.22 34.61 -23.90
C PRO B 39 -3.19 35.43 -23.06
N LYS B 40 -4.06 34.72 -22.34
CA LYS B 40 -5.04 35.31 -21.44
C LYS B 40 -4.67 34.91 -20.03
N GLU B 41 -4.64 35.88 -19.11
CA GLU B 41 -4.36 35.55 -17.72
C GLU B 41 -5.53 34.77 -17.14
N CYS B 42 -5.19 33.72 -16.40
CA CYS B 42 -6.18 32.81 -15.85
C CYS B 42 -6.50 33.17 -14.41
N LYS B 43 -7.75 32.95 -14.02
CA LYS B 43 -8.18 33.24 -12.66
C LYS B 43 -7.47 32.28 -11.71
N LYS B 44 -6.67 32.82 -10.80
CA LYS B 44 -5.89 32.01 -9.88
C LYS B 44 -6.61 31.90 -8.54
N VAL B 45 -6.72 30.68 -8.01
CA VAL B 45 -7.22 30.46 -6.66
C VAL B 45 -6.17 29.65 -5.89
N GLY B 46 -5.56 30.27 -4.88
CA GLY B 46 -4.56 29.59 -4.08
C GLY B 46 -3.18 30.17 -4.27
N SER B 47 -2.14 29.37 -4.04
CA SER B 47 -0.77 29.85 -4.16
C SER B 47 0.09 28.75 -4.78
N VAL B 48 1.16 29.18 -5.44
CA VAL B 48 2.07 28.26 -6.11
C VAL B 48 3.48 28.54 -5.59
N PRO B 49 4.38 27.57 -5.70
CA PRO B 49 5.73 27.78 -5.18
C PRO B 49 6.50 28.79 -6.03
N SER B 50 7.57 29.31 -5.42
CA SER B 50 8.41 30.29 -6.10
C SER B 50 9.12 29.72 -7.31
N TYR B 51 9.30 28.39 -7.37
CA TYR B 51 10.03 27.78 -8.47
C TYR B 51 9.14 27.39 -9.64
N LEU B 52 7.84 27.68 -9.59
CA LEU B 52 6.93 27.38 -10.69
C LEU B 52 7.00 28.52 -11.71
N THR B 53 8.08 28.53 -12.46
CA THR B 53 8.36 29.51 -13.49
C THR B 53 8.84 28.75 -14.73
N GLY B 54 8.00 28.73 -15.77
CA GLY B 54 8.30 27.94 -16.94
C GLY B 54 7.07 27.86 -17.81
N THR B 55 7.21 27.11 -18.91
CA THR B 55 6.16 27.04 -19.92
C THR B 55 5.83 25.58 -20.21
N MET B 56 4.54 25.24 -20.14
CA MET B 56 4.06 23.92 -20.47
C MET B 56 3.34 23.99 -21.81
N LEU B 57 3.85 23.25 -22.81
CA LEU B 57 3.17 23.08 -24.09
C LEU B 57 2.47 21.74 -24.08
N ARG B 58 1.20 21.73 -24.44
CA ARG B 58 0.39 20.52 -24.46
C ARG B 58 -0.05 20.26 -25.90
N ASN B 59 0.07 19.02 -26.33
CA ASN B 59 -0.36 18.62 -27.67
C ASN B 59 -1.60 17.76 -27.56
N GLY B 60 -2.36 17.72 -28.64
CA GLY B 60 -3.52 16.87 -28.68
C GLY B 60 -4.40 17.21 -29.87
N PRO B 61 -5.53 16.53 -29.97
CA PRO B 61 -6.42 16.69 -31.13
C PRO B 61 -7.43 17.81 -30.92
N GLY B 62 -7.66 18.60 -31.96
CA GLY B 62 -8.61 19.69 -31.84
C GLY B 62 -9.61 19.83 -32.98
N MET B 63 -9.26 19.38 -34.18
CA MET B 63 -10.19 19.50 -35.30
C MET B 63 -10.68 18.12 -35.68
N PHE B 64 -11.97 17.87 -35.45
CA PHE B 64 -12.60 16.59 -35.67
C PHE B 64 -13.63 16.58 -36.79
N THR B 65 -14.05 17.74 -37.28
CA THR B 65 -15.00 17.80 -38.39
C THR B 65 -14.46 18.71 -39.49
N VAL B 66 -14.74 18.33 -40.73
CA VAL B 66 -14.37 19.10 -41.91
C VAL B 66 -15.63 19.12 -42.76
N GLY B 67 -16.26 20.29 -42.89
CA GLY B 67 -17.60 20.32 -43.44
C GLY B 67 -18.50 19.42 -42.62
N GLU B 68 -19.20 18.51 -43.30
CA GLU B 68 -20.08 17.56 -42.63
C GLU B 68 -19.42 16.23 -42.30
N GLU B 69 -18.16 16.03 -42.71
CA GLU B 69 -17.49 14.78 -42.39
C GLU B 69 -16.76 14.91 -41.06
N GLU B 70 -16.64 13.77 -40.38
CA GLU B 70 -16.03 13.71 -39.06
C GLU B 70 -14.93 12.66 -39.07
N TYR B 71 -13.82 12.97 -38.43
CA TYR B 71 -12.79 11.98 -38.20
C TYR B 71 -13.32 10.88 -37.27
N LYS B 72 -12.72 9.70 -37.37
CA LYS B 72 -13.26 8.51 -36.71
C LYS B 72 -12.64 8.19 -35.35
N HIS B 73 -11.35 8.43 -35.15
CA HIS B 73 -10.64 7.95 -33.97
C HIS B 73 -10.14 9.11 -33.13
N TRP B 74 -10.03 8.88 -31.82
CA TRP B 74 -9.47 9.87 -30.92
C TRP B 74 -8.13 10.38 -31.43
N PHE B 75 -7.31 9.49 -31.98
CA PHE B 75 -5.97 9.87 -32.42
C PHE B 75 -5.99 10.75 -33.67
N ASP B 76 -7.16 10.98 -34.30
CA ASP B 76 -7.21 11.61 -35.62
C ASP B 76 -7.26 13.13 -35.60
N GLY B 77 -7.80 13.74 -34.55
CA GLY B 77 -8.07 15.17 -34.62
C GLY B 77 -6.82 15.96 -34.93
N LEU B 78 -6.96 16.95 -35.82
CA LEU B 78 -5.79 17.71 -36.22
C LEU B 78 -5.23 18.46 -35.01
N GLY B 79 -3.90 18.45 -34.91
CA GLY B 79 -3.20 18.96 -33.74
C GLY B 79 -3.55 20.38 -33.34
N PHE B 80 -3.94 20.54 -32.08
CA PHE B 80 -4.33 21.83 -31.50
C PHE B 80 -3.53 21.97 -30.22
N MET B 81 -2.52 22.83 -30.24
CA MET B 81 -1.54 22.96 -29.17
C MET B 81 -1.96 24.04 -28.20
N GLN B 82 -1.65 23.85 -26.92
CA GLN B 82 -1.93 24.88 -25.94
C GLN B 82 -0.64 25.23 -25.20
N ARG B 83 -0.60 26.47 -24.73
CA ARG B 83 0.53 26.99 -23.98
C ARG B 83 0.02 27.41 -22.61
N TYR B 84 0.61 26.84 -21.57
CA TYR B 84 0.29 27.16 -20.18
C TYR B 84 1.57 27.74 -19.60
N HIS B 85 1.61 29.05 -19.41
CA HIS B 85 2.85 29.74 -19.06
C HIS B 85 2.77 30.24 -17.62
N PHE B 86 3.70 29.79 -16.79
CA PHE B 86 3.69 30.08 -15.36
C PHE B 86 4.76 31.12 -15.07
N GLU B 87 4.35 32.21 -14.42
CA GLU B 87 5.16 33.40 -14.29
C GLU B 87 4.58 34.33 -13.25
N ASP B 88 5.40 34.77 -12.29
CA ASP B 88 4.98 35.71 -11.24
C ASP B 88 3.81 35.16 -10.44
N GLY B 89 3.75 33.84 -10.29
CA GLY B 89 2.63 33.23 -9.62
C GLY B 89 1.34 33.24 -10.41
N LYS B 90 1.39 33.61 -11.69
CA LYS B 90 0.24 33.62 -12.58
C LYS B 90 0.39 32.52 -13.62
N MET B 91 -0.71 32.21 -14.30
CA MET B 91 -0.67 31.34 -15.47
C MET B 91 -1.41 32.01 -16.63
N PHE B 92 -0.80 31.96 -17.81
CA PHE B 92 -1.36 32.52 -19.03
C PHE B 92 -1.65 31.39 -20.01
N TYR B 93 -2.81 31.46 -20.66
CA TYR B 93 -3.28 30.43 -21.56
C TYR B 93 -3.39 30.96 -22.97
N SER B 94 -2.91 30.17 -23.94
CA SER B 94 -3.16 30.42 -25.35
C SER B 94 -3.19 29.08 -26.07
N ALA B 95 -3.69 29.07 -27.31
CA ALA B 95 -3.80 27.82 -28.05
C ALA B 95 -3.91 28.10 -29.53
N ARG B 96 -3.34 27.22 -30.35
CA ARG B 96 -3.36 27.39 -31.78
C ARG B 96 -3.21 26.05 -32.49
N TYR B 97 -3.81 25.92 -33.67
CA TYR B 97 -3.58 24.72 -34.45
C TYR B 97 -2.14 24.64 -34.92
N LEU B 98 -1.67 23.39 -35.07
CA LEU B 98 -0.33 23.18 -35.68
C LEU B 98 -0.54 23.34 -37.17
N GLU B 99 0.27 24.16 -37.83
CA GLU B 99 0.12 24.46 -39.26
C GLU B 99 0.94 23.49 -40.10
N SER B 100 0.55 22.23 -40.00
CA SER B 100 1.12 21.18 -40.81
C SER B 100 0.58 21.27 -42.24
N GLU B 101 1.16 20.46 -43.12
CA GLU B 101 0.57 20.34 -44.45
C GLU B 101 -0.87 19.84 -44.35
N ALA B 102 -1.11 18.89 -43.44
CA ALA B 102 -2.45 18.35 -43.25
C ALA B 102 -3.41 19.46 -42.86
N TYR B 103 -3.03 20.30 -41.90
CA TYR B 103 -3.90 21.38 -41.48
C TYR B 103 -4.09 22.39 -42.61
N THR B 104 -3.01 22.76 -43.28
CA THR B 104 -3.11 23.77 -44.33
CA THR B 104 -3.08 23.75 -44.35
C THR B 104 -4.03 23.31 -45.45
N LYS B 105 -3.97 22.03 -45.81
CA LYS B 105 -4.84 21.50 -46.87
C LYS B 105 -6.31 21.49 -46.42
N THR B 106 -6.54 21.21 -45.14
CA THR B 106 -7.87 20.95 -44.61
C THR B 106 -8.72 22.21 -44.41
N VAL B 107 -8.13 23.31 -43.95
CA VAL B 107 -8.95 24.50 -43.72
C VAL B 107 -9.50 24.99 -45.05
N GLU B 108 -8.77 24.74 -46.11
CA GLU B 108 -9.16 25.08 -47.46
C GLU B 108 -10.04 23.98 -48.09
N ALA B 109 -10.65 23.12 -47.25
CA ALA B 109 -11.49 22.00 -47.68
C ALA B 109 -12.93 22.06 -47.15
N GLN B 110 -13.72 21.11 -47.68
CA GLN B 110 -15.14 20.91 -47.37
C GLN B 110 -15.45 19.46 -47.04
N ARG B 111 -14.47 18.58 -47.18
CA ARG B 111 -14.54 17.16 -46.85
C ARG B 111 -13.17 16.80 -46.29
N ILE B 112 -13.06 15.61 -45.70
CA ILE B 112 -11.76 15.20 -45.19
C ILE B 112 -10.79 14.98 -46.35
N VAL B 113 -9.70 15.74 -46.33
CA VAL B 113 -8.70 15.73 -47.37
C VAL B 113 -7.42 15.04 -46.90
N ALA B 114 -6.98 15.33 -45.68
CA ALA B 114 -5.79 14.71 -45.13
C ALA B 114 -6.15 13.46 -44.35
N GLY B 115 -5.63 12.31 -44.80
CA GLY B 115 -5.81 11.07 -44.04
C GLY B 115 -4.99 11.06 -42.77
N THR B 116 -5.51 10.34 -41.75
CA THR B 116 -4.85 10.24 -40.46
C THR B 116 -4.82 8.79 -40.00
N PHE B 117 -4.50 8.59 -38.72
CA PHE B 117 -4.44 7.26 -38.12
C PHE B 117 -5.66 6.41 -38.49
N GLY B 118 -6.85 6.95 -38.27
CA GLY B 118 -8.03 6.12 -38.39
C GLY B 118 -9.09 6.63 -39.34
N THR B 119 -8.75 7.58 -40.20
CA THR B 119 -9.72 8.11 -41.15
C THR B 119 -9.12 8.19 -42.55
N LEU B 120 -9.87 7.72 -43.54
CA LEU B 120 -9.50 7.81 -44.93
C LEU B 120 -9.72 9.21 -45.49
N SER B 121 -8.88 9.60 -46.43
CA SER B 121 -9.19 10.73 -47.31
C SER B 121 -10.13 10.26 -48.42
N PHE B 122 -10.65 11.23 -49.18
CA PHE B 122 -11.52 10.88 -50.31
C PHE B 122 -10.74 10.09 -51.36
N PRO B 123 -11.38 9.12 -52.00
CA PRO B 123 -10.66 8.21 -52.90
C PRO B 123 -10.26 8.86 -54.22
N ASP B 124 -9.08 8.47 -54.72
CA ASP B 124 -8.59 8.91 -56.02
C ASP B 124 -9.06 7.94 -57.09
N PRO B 125 -9.91 8.38 -58.04
CA PRO B 125 -10.40 7.45 -59.07
C PRO B 125 -9.30 6.89 -59.98
N CYS B 126 -8.14 7.52 -60.04
CA CYS B 126 -7.03 7.02 -60.84
C CYS B 126 -6.11 6.09 -60.06
N LYS B 127 -6.42 5.78 -58.80
CA LYS B 127 -5.60 4.85 -58.05
C LYS B 127 -6.35 3.57 -57.73
N THR B 128 -6.75 2.83 -58.76
CA THR B 128 -7.34 1.52 -58.59
C THR B 128 -6.36 0.45 -59.02
N ILE B 129 -6.65 -0.80 -58.67
CA ILE B 129 -5.81 -1.89 -59.11
C ILE B 129 -5.87 -2.07 -60.63
N PHE B 130 -6.82 -1.44 -61.31
CA PHE B 130 -6.88 -1.51 -62.76
C PHE B 130 -6.17 -0.35 -63.44
N SER B 131 -5.51 0.52 -62.68
CA SER B 131 -4.83 1.68 -63.25
C SER B 131 -3.32 1.48 -63.24
N LYS B 132 -2.63 2.38 -63.94
CA LYS B 132 -1.17 2.31 -64.01
C LYS B 132 -0.54 2.48 -62.64
N TYR B 133 -1.20 3.22 -61.73
CA TYR B 133 -0.65 3.41 -60.39
C TYR B 133 -0.45 2.07 -59.68
N PHE B 134 -1.23 1.06 -60.01
CA PHE B 134 -1.06 -0.23 -59.35
C PHE B 134 0.33 -0.82 -59.59
N SER B 135 1.00 -0.41 -60.68
CA SER B 135 2.38 -0.82 -60.93
C SER B 135 3.40 0.07 -60.24
N GLU B 136 2.99 1.20 -59.67
CA GLU B 136 3.91 2.19 -59.12
C GLU B 136 3.77 2.41 -57.62
N PHE B 137 2.79 1.80 -56.95
CA PHE B 137 2.43 2.25 -55.61
C PHE B 137 3.53 1.99 -54.58
N MET B 138 4.39 1.00 -54.82
CA MET B 138 5.44 0.71 -53.85
C MET B 138 6.53 1.78 -53.84
N ASN B 139 6.63 2.60 -54.89
CA ASN B 139 7.61 3.68 -54.96
C ASN B 139 7.17 4.94 -54.23
N HIS B 140 5.92 5.03 -53.81
CA HIS B 140 5.35 6.30 -53.37
C HIS B 140 5.09 6.22 -51.87
N SER B 141 5.38 7.31 -51.16
CA SER B 141 5.26 7.35 -49.71
C SER B 141 4.56 8.64 -49.31
N GLU B 142 3.33 8.53 -48.81
CA GLU B 142 2.57 9.71 -48.45
C GLU B 142 2.99 10.24 -47.08
N LYS B 143 3.19 11.55 -47.02
CA LYS B 143 3.60 12.23 -45.79
C LYS B 143 2.42 12.34 -44.84
N HIS B 144 2.55 11.77 -43.66
CA HIS B 144 1.59 11.97 -42.57
C HIS B 144 2.28 12.85 -41.53
N ASP B 145 1.81 14.10 -41.41
CA ASP B 145 2.48 15.10 -40.60
C ASP B 145 1.51 15.79 -39.65
N ASN B 146 0.47 15.08 -39.20
CA ASN B 146 -0.41 15.60 -38.15
C ASN B 146 0.26 15.33 -36.80
N SER B 147 1.24 16.16 -36.48
CA SER B 147 2.11 15.93 -35.31
C SER B 147 1.39 16.38 -34.03
N ASN B 148 0.43 15.57 -33.59
CA ASN B 148 -0.51 15.98 -32.54
C ASN B 148 -0.33 15.22 -31.22
N VAL B 149 0.76 14.48 -31.05
CA VAL B 149 0.87 13.54 -29.93
C VAL B 149 1.59 14.17 -28.74
N ALA B 150 2.77 14.72 -28.96
CA ALA B 150 3.66 15.12 -27.87
C ALA B 150 4.66 16.14 -28.39
N PHE B 151 5.53 16.60 -27.48
CA PHE B 151 6.65 17.47 -27.79
C PHE B 151 7.94 16.79 -27.36
N THR B 152 8.98 16.94 -28.16
CA THR B 152 10.27 16.32 -27.91
C THR B 152 11.37 17.37 -27.88
N PRO B 153 12.22 17.38 -26.86
CA PRO B 153 13.29 18.38 -26.79
C PRO B 153 14.50 17.94 -27.62
N VAL B 154 14.99 18.84 -28.48
CA VAL B 154 16.20 18.62 -29.25
C VAL B 154 17.03 19.88 -29.13
N GLY B 155 18.16 19.80 -28.44
CA GLY B 155 18.91 21.00 -28.16
C GLY B 155 18.05 22.00 -27.42
N ASP B 156 17.96 23.22 -27.95
CA ASP B 156 17.29 24.32 -27.28
C ASP B 156 15.82 24.47 -27.66
N SER B 157 15.25 23.53 -28.43
CA SER B 157 13.92 23.71 -29.00
C SER B 157 13.03 22.50 -28.72
N LEU B 158 11.73 22.68 -28.96
CA LEU B 158 10.74 21.63 -28.84
C LEU B 158 10.17 21.31 -30.21
N TYR B 159 9.94 20.03 -30.47
CA TYR B 159 9.39 19.54 -31.73
C TYR B 159 8.07 18.83 -31.48
N ALA B 160 7.04 19.21 -32.23
CA ALA B 160 5.78 18.48 -32.23
C ALA B 160 5.94 17.20 -33.04
N CYS B 161 5.51 16.08 -32.47
CA CYS B 161 5.75 14.78 -33.09
C CYS B 161 4.47 13.97 -33.14
N THR B 162 4.41 13.08 -34.12
CA THR B 162 3.48 11.97 -34.12
C THR B 162 4.27 10.71 -34.46
N GLU B 163 3.59 9.61 -34.77
CA GLU B 163 4.27 8.34 -34.96
C GLU B 163 4.78 8.16 -36.36
N THR B 164 5.31 9.25 -36.93
CA THR B 164 5.89 9.27 -38.26
C THR B 164 7.17 10.10 -38.17
N PRO B 165 8.03 10.08 -39.20
CA PRO B 165 9.22 10.92 -39.17
C PRO B 165 8.96 12.41 -39.26
N HIS B 166 7.70 12.86 -39.47
CA HIS B 166 7.43 14.25 -39.83
C HIS B 166 7.08 15.08 -38.61
N MET B 167 7.97 16.01 -38.27
CA MET B 167 7.88 16.82 -37.07
C MET B 167 7.92 18.29 -37.45
N TYR B 168 7.55 19.15 -36.49
CA TYR B 168 7.63 20.60 -36.62
C TYR B 168 8.23 21.21 -35.36
N ARG B 169 9.21 22.08 -35.53
CA ARG B 169 9.63 22.93 -34.42
C ARG B 169 8.52 23.92 -34.11
N VAL B 170 8.30 24.17 -32.82
CA VAL B 170 7.22 25.04 -32.37
C VAL B 170 7.77 26.10 -31.43
N ASP B 171 7.40 27.35 -31.66
CA ASP B 171 7.86 28.43 -30.82
C ASP B 171 7.23 28.36 -29.42
N LEU B 172 8.07 28.45 -28.40
CA LEU B 172 7.59 28.28 -27.03
C LEU B 172 6.67 29.42 -26.59
N ASP B 173 6.88 30.63 -27.14
CA ASP B 173 6.17 31.81 -26.68
C ASP B 173 4.88 32.08 -27.46
N THR B 174 4.87 31.82 -28.76
CA THR B 174 3.75 32.19 -29.62
C THR B 174 2.99 30.99 -30.17
N LEU B 175 3.46 29.77 -29.94
CA LEU B 175 2.92 28.55 -30.54
C LEU B 175 2.97 28.58 -32.07
N LYS B 176 3.82 29.43 -32.64
CA LYS B 176 3.94 29.48 -34.08
C LYS B 176 4.58 28.21 -34.61
N THR B 177 4.04 27.68 -35.70
CA THR B 177 4.65 26.53 -36.34
C THR B 177 5.86 26.98 -37.13
N LEU B 178 7.04 26.47 -36.74
CA LEU B 178 8.28 26.80 -37.43
C LEU B 178 8.60 25.73 -38.45
N GLU B 179 9.87 25.41 -38.64
CA GLU B 179 10.25 24.57 -39.78
C GLU B 179 9.95 23.10 -39.49
N ALA B 180 9.67 22.36 -40.56
CA ALA B 180 9.50 20.93 -40.48
C ALA B 180 10.86 20.25 -40.30
N ALA B 181 10.82 19.08 -39.66
CA ALA B 181 11.98 18.19 -39.61
C ALA B 181 11.51 16.80 -39.97
N ASP B 182 12.23 16.15 -40.86
CA ASP B 182 11.90 14.82 -41.35
C ASP B 182 12.97 13.88 -40.81
N PHE B 183 12.61 13.10 -39.80
CA PHE B 183 13.56 12.16 -39.19
C PHE B 183 14.14 11.20 -40.22
N SER B 184 13.36 10.84 -41.25
CA SER B 184 13.84 9.81 -42.18
C SER B 184 14.94 10.31 -43.11
N LYS B 185 15.24 11.60 -43.09
CA LYS B 185 16.39 12.11 -43.83
C LYS B 185 17.71 11.68 -43.18
N PHE B 186 17.67 11.25 -41.93
CA PHE B 186 18.87 10.90 -41.22
C PHE B 186 19.02 9.41 -40.94
N VAL B 187 17.93 8.65 -40.97
CA VAL B 187 17.94 7.20 -40.78
CA VAL B 187 17.93 7.20 -40.76
C VAL B 187 16.76 6.62 -41.55
N ALA B 188 16.95 5.43 -42.11
CA ALA B 188 15.91 4.83 -42.95
C ALA B 188 14.91 4.11 -42.07
N VAL B 189 13.84 4.82 -41.70
CA VAL B 189 12.69 4.21 -41.03
C VAL B 189 11.42 4.71 -41.70
N HIS B 190 10.36 3.91 -41.62
CA HIS B 190 9.06 4.30 -42.14
C HIS B 190 8.17 4.89 -41.06
N SER B 191 8.18 4.32 -39.86
CA SER B 191 7.45 4.92 -38.75
C SER B 191 8.39 4.96 -37.55
N CYS B 192 8.00 5.71 -36.53
CA CYS B 192 8.77 5.80 -35.30
C CYS B 192 7.87 6.34 -34.22
N THR B 193 8.25 6.15 -32.95
CA THR B 193 7.37 6.62 -31.90
C THR B 193 7.46 8.14 -31.75
N ALA B 194 6.41 8.71 -31.16
CA ALA B 194 6.41 10.10 -30.72
C ALA B 194 6.78 10.22 -29.24
N HIS B 195 7.40 9.19 -28.68
CA HIS B 195 7.78 9.17 -27.27
C HIS B 195 9.27 8.92 -27.14
N GLN B 196 10.05 9.74 -27.85
CA GLN B 196 11.50 9.67 -27.73
C GLN B 196 11.90 9.91 -26.29
N LEU B 197 12.94 9.20 -25.86
CA LEU B 197 13.49 9.35 -24.53
C LEU B 197 14.83 10.06 -24.62
N TYR B 198 15.19 10.78 -23.57
CA TYR B 198 16.39 11.58 -23.60
C TYR B 198 17.06 11.51 -22.23
N ASP B 199 18.34 11.88 -22.21
CA ASP B 199 19.15 11.79 -20.99
C ASP B 199 19.70 13.16 -20.63
N GLU B 200 20.61 13.18 -19.65
CA GLU B 200 21.16 14.43 -19.14
C GLU B 200 22.06 15.13 -20.15
N ASN B 201 22.59 14.39 -21.13
CA ASN B 201 23.40 14.97 -22.19
C ASN B 201 22.56 15.55 -23.33
N GLY B 202 21.24 15.49 -23.25
CA GLY B 202 20.41 15.93 -24.35
C GLY B 202 20.42 15.03 -25.57
N ASP B 203 20.95 13.83 -25.45
CA ASP B 203 20.84 12.86 -26.53
C ASP B 203 19.43 12.28 -26.53
N VAL B 204 18.90 12.04 -27.73
CA VAL B 204 17.49 11.69 -27.91
C VAL B 204 17.43 10.33 -28.60
N TYR B 205 16.72 9.39 -27.98
CA TYR B 205 16.68 8.01 -28.47
C TYR B 205 15.29 7.68 -29.01
N ASN B 206 15.23 6.89 -30.07
CA ASN B 206 13.95 6.43 -30.58
C ASN B 206 14.10 5.01 -31.10
N ILE B 207 12.95 4.39 -31.37
CA ILE B 207 12.85 3.14 -32.10
C ILE B 207 11.88 3.36 -33.24
N GLY B 208 12.25 2.95 -34.44
CA GLY B 208 11.38 3.04 -35.59
C GLY B 208 11.38 1.72 -36.35
N SER B 209 10.37 1.58 -37.21
CA SER B 209 10.17 0.36 -37.98
C SER B 209 10.61 0.59 -39.42
N ARG B 210 11.43 -0.31 -39.95
CA ARG B 210 11.69 -0.40 -41.38
C ARG B 210 10.96 -1.63 -41.91
N PHE B 211 9.88 -1.40 -42.66
CA PHE B 211 9.05 -2.49 -43.15
C PHE B 211 9.62 -3.12 -44.40
N GLY B 212 9.43 -4.43 -44.52
CA GLY B 212 9.81 -5.16 -45.71
C GLY B 212 9.70 -6.64 -45.47
N PRO B 213 10.24 -7.44 -46.40
CA PRO B 213 10.21 -8.90 -46.21
C PRO B 213 10.96 -9.35 -44.96
N GLU B 214 11.83 -8.49 -44.40
CA GLU B 214 12.46 -8.77 -43.12
C GLU B 214 12.37 -7.51 -42.24
N SER B 215 11.13 -7.10 -41.95
CA SER B 215 10.87 -5.90 -41.17
C SER B 215 11.71 -5.92 -39.89
N ALA B 216 12.24 -4.75 -39.54
CA ALA B 216 13.15 -4.64 -38.40
C ALA B 216 12.78 -3.42 -37.56
N HIS B 217 13.06 -3.49 -36.28
CA HIS B 217 12.94 -2.34 -35.39
C HIS B 217 14.31 -1.67 -35.30
N VAL B 218 14.37 -0.40 -35.63
CA VAL B 218 15.62 0.34 -35.76
C VAL B 218 15.76 1.27 -34.55
N PHE B 219 16.85 1.09 -33.81
CA PHE B 219 17.12 1.85 -32.60
C PHE B 219 18.07 3.00 -32.93
N THR B 220 17.71 4.21 -32.54
CA THR B 220 18.42 5.40 -32.98
C THR B 220 18.85 6.25 -31.81
N VAL B 221 19.93 7.00 -32.04
CA VAL B 221 20.32 8.06 -31.13
C VAL B 221 20.53 9.33 -31.96
N THR B 222 20.08 10.45 -31.42
CA THR B 222 20.27 11.77 -31.99
C THR B 222 21.12 12.54 -30.99
N LYS B 223 22.38 12.77 -31.33
CA LYS B 223 23.26 13.46 -30.40
C LYS B 223 22.83 14.90 -30.31
N ASN B 224 22.88 15.45 -29.10
CA ASN B 224 22.57 16.84 -28.87
C ASN B 224 23.31 17.72 -29.89
N PRO B 225 22.60 18.48 -30.73
CA PRO B 225 23.29 19.27 -31.77
C PRO B 225 24.19 20.33 -31.19
N LYS B 226 23.92 20.78 -29.96
CA LYS B 226 24.88 21.59 -29.23
C LYS B 226 26.12 20.73 -29.00
N ASN B 227 27.17 21.35 -28.49
CA ASN B 227 28.42 20.63 -28.24
C ASN B 227 28.91 19.89 -29.49
N GLN B 228 28.60 20.38 -30.69
CA GLN B 228 29.01 19.62 -31.86
C GLN B 228 28.81 20.43 -33.12
N LYS B 229 29.57 20.07 -34.17
CA LYS B 229 29.49 20.77 -35.45
C LYS B 229 28.12 20.47 -36.07
N SER B 230 27.22 21.46 -36.02
CA SER B 230 25.87 21.27 -36.48
C SER B 230 25.41 22.53 -37.21
N GLU B 231 24.36 22.37 -38.02
CA GLU B 231 23.81 23.50 -38.75
C GLU B 231 23.19 24.53 -37.81
N ASN B 232 22.65 24.07 -36.69
CA ASN B 232 22.10 24.96 -35.67
C ASN B 232 21.95 24.15 -34.38
N ASP B 233 21.52 24.83 -33.31
CA ASP B 233 21.41 24.24 -31.98
C ASP B 233 20.11 23.45 -31.77
N HIS B 234 19.33 23.18 -32.82
CA HIS B 234 18.16 22.32 -32.70
C HIS B 234 18.13 21.28 -33.81
N SER B 235 19.29 20.95 -34.38
CA SER B 235 19.36 20.09 -35.55
C SER B 235 19.24 18.62 -35.15
N TRP B 236 18.56 17.86 -35.99
CA TRP B 236 18.49 16.41 -35.85
C TRP B 236 19.63 15.70 -36.59
N GLU B 237 20.59 16.43 -37.15
CA GLU B 237 21.50 15.82 -38.13
C GLU B 237 22.34 14.70 -37.55
N HIS B 238 22.66 14.76 -36.27
CA HIS B 238 23.54 13.76 -35.66
C HIS B 238 22.76 12.53 -35.21
N THR B 239 22.01 11.96 -36.14
CA THR B 239 21.17 10.81 -35.87
C THR B 239 21.79 9.60 -36.54
N SER B 240 21.97 8.52 -35.78
CA SER B 240 22.58 7.32 -36.32
C SER B 240 21.82 6.11 -35.81
N LYS B 241 21.99 4.99 -36.51
CA LYS B 241 21.44 3.73 -36.07
C LYS B 241 22.36 3.13 -35.01
N ILE B 242 21.80 2.87 -33.83
CA ILE B 242 22.54 2.12 -32.82
C ILE B 242 22.60 0.65 -33.21
N GLY B 243 21.48 0.12 -33.68
CA GLY B 243 21.36 -1.26 -34.05
C GLY B 243 19.94 -1.53 -34.46
N GLU B 244 19.66 -2.80 -34.74
CA GLU B 244 18.30 -3.14 -35.11
C GLU B 244 18.03 -4.58 -34.71
N ILE B 245 16.74 -4.87 -34.55
CA ILE B 245 16.26 -6.19 -34.16
C ILE B 245 15.10 -6.54 -35.07
N LYS B 246 15.16 -7.71 -35.68
CA LYS B 246 14.12 -8.10 -36.61
C LYS B 246 12.83 -8.44 -35.88
N ALA B 247 11.71 -8.11 -36.51
CA ALA B 247 10.41 -8.59 -36.06
C ALA B 247 10.38 -10.11 -36.11
N SER B 248 9.70 -10.73 -35.15
CA SER B 248 9.51 -12.17 -35.19
C SER B 248 8.78 -12.60 -36.46
N ASP B 249 7.78 -11.82 -36.86
CA ASP B 249 6.98 -12.08 -38.06
C ASP B 249 7.11 -10.86 -38.96
N PRO B 250 7.91 -10.91 -40.02
CA PRO B 250 8.15 -9.68 -40.80
C PRO B 250 6.90 -9.07 -41.41
N LEU B 251 5.86 -9.85 -41.66
CA LEU B 251 4.62 -9.32 -42.20
C LEU B 251 3.63 -8.91 -41.12
N TYR B 252 3.96 -9.15 -39.86
CA TYR B 252 3.14 -8.72 -38.73
C TYR B 252 4.04 -8.14 -37.65
N PRO B 253 4.75 -7.04 -37.94
CA PRO B 253 5.54 -6.39 -36.89
C PRO B 253 4.64 -5.77 -35.84
N THR B 254 5.15 -5.69 -34.62
CA THR B 254 4.36 -5.11 -33.54
C THR B 254 4.12 -3.63 -33.78
N TYR B 255 2.91 -3.18 -33.44
CA TYR B 255 2.70 -1.76 -33.20
C TYR B 255 3.51 -1.34 -31.98
N MET B 256 3.98 -0.10 -31.98
CA MET B 256 4.72 0.41 -30.82
C MET B 256 4.32 1.85 -30.52
N HIS B 257 3.94 2.10 -29.27
CA HIS B 257 3.69 3.45 -28.83
C HIS B 257 4.85 4.03 -28.03
N SER B 258 5.49 3.23 -27.18
CA SER B 258 6.62 3.70 -26.41
C SER B 258 7.57 2.54 -26.17
N PHE B 259 8.68 2.85 -25.50
CA PHE B 259 9.72 1.90 -25.18
C PHE B 259 10.41 2.38 -23.91
N GLY B 260 11.33 1.58 -23.41
CA GLY B 260 12.03 1.94 -22.18
C GLY B 260 13.52 2.16 -22.41
N MET B 261 14.15 2.94 -21.54
CA MET B 261 15.58 3.19 -21.62
C MET B 261 16.20 3.21 -20.22
N SER B 262 17.28 2.46 -20.05
CA SER B 262 18.09 2.51 -18.86
C SER B 262 19.42 3.19 -19.19
N GLU B 263 20.33 3.22 -18.23
CA GLU B 263 21.64 3.81 -18.46
C GLU B 263 22.32 3.21 -19.68
N ASN B 264 22.23 1.88 -19.83
CA ASN B 264 22.98 1.17 -20.86
C ASN B 264 22.12 0.50 -21.90
N TYR B 265 20.79 0.44 -21.74
CA TYR B 265 19.96 -0.37 -22.62
C TYR B 265 18.72 0.36 -23.10
N LEU B 266 18.26 -0.06 -24.27
CA LEU B 266 16.93 0.23 -24.79
C LEU B 266 16.13 -1.05 -24.80
N VAL B 267 14.86 -0.98 -24.45
CA VAL B 267 14.04 -2.18 -24.36
C VAL B 267 12.67 -1.90 -24.95
N MET B 268 12.14 -2.86 -25.70
CA MET B 268 10.81 -2.76 -26.27
C MET B 268 10.09 -4.08 -26.08
N PHE B 269 8.77 -4.03 -26.07
CA PHE B 269 7.93 -5.22 -26.12
C PHE B 269 7.52 -5.49 -27.55
N GLU B 270 7.61 -6.76 -27.98
CA GLU B 270 6.95 -7.19 -29.20
C GLU B 270 5.54 -7.60 -28.78
N SER B 271 4.59 -6.69 -28.96
CA SER B 271 3.27 -6.81 -28.37
C SER B 271 2.35 -7.62 -29.25
N PRO B 272 1.20 -8.04 -28.73
CA PRO B 272 0.20 -8.70 -29.58
C PRO B 272 -0.54 -7.78 -30.54
N VAL B 273 -0.43 -6.45 -30.39
CA VAL B 273 -0.99 -5.55 -31.37
C VAL B 273 -0.03 -5.53 -32.55
N ARG B 274 -0.46 -6.04 -33.69
CA ARG B 274 0.41 -6.21 -34.85
C ARG B 274 -0.12 -5.40 -36.02
N LEU B 275 0.79 -4.88 -36.83
CA LEU B 275 0.44 -4.25 -38.10
C LEU B 275 0.35 -5.34 -39.17
N HIS B 276 -0.79 -5.41 -39.84
CA HIS B 276 -1.01 -6.28 -40.99
C HIS B 276 -0.31 -5.62 -42.17
N LEU B 277 0.98 -5.93 -42.33
CA LEU B 277 1.82 -5.13 -43.22
C LEU B 277 1.35 -5.22 -44.67
N GLN B 278 0.97 -6.41 -45.14
CA GLN B 278 0.52 -6.52 -46.52
C GLN B 278 -0.74 -5.70 -46.77
N LYS B 279 -1.66 -5.72 -45.81
CA LYS B 279 -2.86 -4.90 -45.94
C LYS B 279 -2.50 -3.42 -45.91
N TYR B 280 -1.52 -3.04 -45.09
CA TYR B 280 -1.13 -1.63 -45.02
C TYR B 280 -0.50 -1.18 -46.34
N LEU B 281 0.38 -2.00 -46.91
CA LEU B 281 1.02 -1.60 -48.16
C LEU B 281 0.01 -1.46 -49.29
N LEU B 282 -1.09 -2.21 -49.24
CA LEU B 282 -2.14 -2.16 -50.24
C LEU B 282 -3.33 -1.30 -49.83
N SER B 283 -3.19 -0.47 -48.78
CA SER B 283 -4.35 0.16 -48.17
C SER B 283 -5.02 1.18 -49.09
N GLU B 284 -4.30 1.77 -50.04
CA GLU B 284 -4.96 2.68 -50.98
C GLU B 284 -5.99 1.95 -51.83
N PHE B 285 -5.72 0.70 -52.17
CA PHE B 285 -6.62 -0.03 -53.06
C PHE B 285 -7.76 -0.68 -52.29
N VAL B 286 -7.46 -1.25 -51.11
CA VAL B 286 -8.53 -1.84 -50.30
C VAL B 286 -9.21 -0.81 -49.41
N ARG B 287 -8.79 0.47 -49.47
CA ARG B 287 -9.44 1.55 -48.75
C ARG B 287 -9.46 1.28 -47.25
N ALA B 288 -8.29 1.01 -46.71
CA ALA B 288 -8.10 0.73 -45.30
C ALA B 288 -7.28 1.84 -44.65
N THR B 289 -7.66 2.20 -43.42
CA THR B 289 -6.82 3.08 -42.63
C THR B 289 -5.70 2.29 -41.96
N TYR B 290 -4.68 3.01 -41.49
CA TYR B 290 -3.69 2.38 -40.64
C TYR B 290 -4.36 1.67 -39.47
N HIS B 291 -5.37 2.31 -38.88
CA HIS B 291 -6.11 1.70 -37.77
C HIS B 291 -6.71 0.36 -38.17
N ASP B 292 -7.36 0.31 -39.33
CA ASP B 292 -7.92 -0.92 -39.89
C ASP B 292 -6.89 -2.04 -39.98
N CYS B 293 -5.62 -1.70 -40.13
CA CYS B 293 -4.58 -2.69 -40.36
C CYS B 293 -3.99 -3.23 -39.07
N LEU B 294 -4.40 -2.70 -37.91
CA LEU B 294 -3.97 -3.26 -36.64
C LEU B 294 -4.82 -4.47 -36.28
N GLU B 295 -4.17 -5.49 -35.71
CA GLU B 295 -4.83 -6.73 -35.33
C GLU B 295 -4.26 -7.20 -34.00
N TRP B 296 -5.11 -7.87 -33.21
CA TRP B 296 -4.70 -8.45 -31.93
C TRP B 296 -4.38 -9.93 -32.14
N HIS B 297 -3.11 -10.30 -31.96
CA HIS B 297 -2.66 -11.68 -32.09
C HIS B 297 -2.56 -12.28 -30.69
N GLY B 298 -3.71 -12.59 -30.12
CA GLY B 298 -3.77 -13.07 -28.74
C GLY B 298 -3.16 -14.43 -28.53
N ASP B 299 -2.95 -15.19 -29.60
CA ASP B 299 -2.40 -16.54 -29.46
C ASP B 299 -0.89 -16.56 -29.37
N LYS B 300 -0.24 -15.39 -29.31
CA LYS B 300 1.21 -15.32 -29.32
C LYS B 300 1.71 -14.72 -28.02
N ASP B 301 2.86 -15.22 -27.57
CA ASP B 301 3.53 -14.63 -26.42
C ASP B 301 4.12 -13.28 -26.78
N VAL B 302 4.20 -12.43 -25.77
CA VAL B 302 4.98 -11.20 -25.89
C VAL B 302 6.45 -11.56 -25.78
N SER B 303 7.28 -10.90 -26.57
CA SER B 303 8.73 -11.00 -26.44
C SER B 303 9.28 -9.66 -25.97
N ILE B 304 10.35 -9.73 -25.20
CA ILE B 304 11.11 -8.56 -24.77
C ILE B 304 12.38 -8.50 -25.62
N PHE B 305 12.58 -7.38 -26.32
CA PHE B 305 13.79 -7.13 -27.09
C PHE B 305 14.61 -6.06 -26.38
N ILE B 306 15.87 -6.36 -26.11
CA ILE B 306 16.77 -5.45 -25.41
C ILE B 306 18.01 -5.20 -26.25
N LEU B 307 18.36 -3.93 -26.43
CA LEU B 307 19.54 -3.54 -27.17
C LEU B 307 20.49 -2.76 -26.26
N ASN B 308 21.78 -3.04 -26.37
CA ASN B 308 22.79 -2.27 -25.66
C ASN B 308 22.96 -0.93 -26.34
N LYS B 309 22.79 0.15 -25.57
CA LYS B 309 22.86 1.51 -26.10
C LYS B 309 24.24 1.87 -26.63
N LYS B 310 25.30 1.30 -26.05
CA LYS B 310 26.65 1.66 -26.46
C LYS B 310 27.16 0.83 -27.63
N THR B 311 27.04 -0.49 -27.52
CA THR B 311 27.60 -1.42 -28.50
C THR B 311 26.64 -1.76 -29.64
N GLY B 312 25.36 -1.49 -29.48
CA GLY B 312 24.40 -1.92 -30.48
C GLY B 312 24.15 -3.41 -30.54
N GLU B 313 24.64 -4.19 -29.58
CA GLU B 313 24.43 -5.64 -29.59
C GLU B 313 23.14 -5.97 -28.84
N GLN B 314 22.38 -6.92 -29.39
CA GLN B 314 21.15 -7.38 -28.75
C GLN B 314 21.47 -8.33 -27.60
N LEU B 315 20.75 -8.20 -26.50
CA LEU B 315 20.94 -9.09 -25.38
C LEU B 315 20.64 -10.51 -25.80
N PRO B 316 21.59 -11.46 -25.63
CA PRO B 316 21.40 -12.83 -26.15
C PRO B 316 20.58 -13.71 -25.22
N LEU B 317 19.41 -13.21 -24.85
CA LEU B 317 18.45 -13.98 -24.06
C LEU B 317 17.12 -13.95 -24.77
N THR B 318 16.42 -15.08 -24.74
CA THR B 318 15.05 -15.15 -25.25
C THR B 318 14.10 -14.92 -24.08
N LEU B 319 13.24 -13.91 -24.18
CA LEU B 319 12.44 -13.45 -23.05
C LEU B 319 10.97 -13.39 -23.44
N LYS B 320 10.14 -14.20 -22.78
CA LYS B 320 8.73 -14.35 -23.14
C LYS B 320 7.81 -14.02 -21.97
N MET B 321 6.63 -13.50 -22.29
CA MET B 321 5.61 -13.17 -21.29
C MET B 321 4.23 -13.48 -21.84
N ASN B 322 3.27 -13.63 -20.93
CA ASN B 322 1.87 -13.72 -21.32
C ASN B 322 1.45 -12.45 -22.03
N PRO B 323 0.46 -12.54 -22.94
CA PRO B 323 0.09 -11.37 -23.75
C PRO B 323 -0.42 -10.21 -22.90
N PHE B 324 -0.10 -9.00 -23.36
CA PHE B 324 -0.58 -7.74 -22.81
C PHE B 324 -0.09 -6.66 -23.76
N PHE B 325 -0.64 -5.46 -23.59
CA PHE B 325 -0.18 -4.30 -24.32
C PHE B 325 0.08 -3.16 -23.34
N THR B 326 1.04 -2.30 -23.68
CA THR B 326 1.24 -1.05 -22.95
C THR B 326 1.33 0.11 -23.93
N PHE B 327 0.55 1.16 -23.68
CA PHE B 327 0.80 2.42 -24.37
C PHE B 327 2.08 3.05 -23.86
N HIS B 328 2.21 3.23 -22.54
CA HIS B 328 3.30 4.03 -22.00
C HIS B 328 4.13 3.24 -20.99
N HIS B 329 5.43 3.12 -21.28
CA HIS B 329 6.40 2.80 -20.25
C HIS B 329 6.50 3.94 -19.24
N ALA B 330 6.80 3.59 -17.99
CA ALA B 330 7.23 4.60 -17.02
C ALA B 330 8.75 4.67 -17.04
N ASN B 331 9.40 4.60 -15.89
CA ASN B 331 10.86 4.62 -15.85
C ASN B 331 11.42 3.21 -16.05
N THR B 332 12.72 3.13 -16.32
CA THR B 332 13.41 1.86 -16.56
C THR B 332 14.82 1.98 -15.98
N PHE B 333 15.28 0.94 -15.28
CA PHE B 333 16.61 1.08 -14.69
C PHE B 333 17.26 -0.28 -14.43
N GLU B 334 18.58 -0.24 -14.27
CA GLU B 334 19.39 -1.42 -13.97
C GLU B 334 19.69 -1.49 -12.48
N LYS B 335 19.60 -2.69 -11.92
CA LYS B 335 19.94 -2.87 -10.51
C LYS B 335 20.34 -4.33 -10.27
N ASP B 336 21.49 -4.52 -9.61
CA ASP B 336 21.93 -5.87 -9.21
C ASP B 336 21.95 -6.82 -10.40
N GLY B 337 22.40 -6.32 -11.56
CA GLY B 337 22.45 -7.17 -12.73
C GLY B 337 21.13 -7.48 -13.39
N CYS B 338 20.05 -6.78 -13.01
CA CYS B 338 18.73 -6.91 -13.60
C CYS B 338 18.31 -5.63 -14.30
N LEU B 339 17.37 -5.78 -15.24
CA LEU B 339 16.74 -4.65 -15.91
C LEU B 339 15.30 -4.53 -15.43
N VAL B 340 14.98 -3.43 -14.77
CA VAL B 340 13.65 -3.23 -14.19
C VAL B 340 12.84 -2.34 -15.12
N MET B 341 11.65 -2.80 -15.50
CA MET B 341 10.79 -2.11 -16.44
C MET B 341 9.42 -1.87 -15.82
N ASP B 342 9.05 -0.60 -15.67
CA ASP B 342 7.71 -0.21 -15.26
C ASP B 342 6.93 0.34 -16.44
N TYR B 343 5.63 0.05 -16.49
CA TYR B 343 4.78 0.40 -17.63
C TYR B 343 3.33 0.20 -17.23
N CYS B 344 2.42 0.78 -18.01
CA CYS B 344 0.99 0.66 -17.75
C CYS B 344 0.42 -0.46 -18.62
N ARG B 345 0.04 -1.55 -17.96
CA ARG B 345 -0.32 -2.80 -18.62
C ARG B 345 -1.82 -2.87 -18.91
N ILE B 346 -2.16 -3.18 -20.16
CA ILE B 346 -3.54 -3.41 -20.59
C ILE B 346 -3.66 -4.89 -20.95
N GLU B 347 -4.71 -5.54 -20.43
CA GLU B 347 -4.84 -6.98 -20.67
C GLU B 347 -5.12 -7.28 -22.14
N ASN B 348 -6.08 -6.59 -22.74
CA ASN B 348 -6.44 -6.84 -24.13
C ASN B 348 -6.81 -5.50 -24.77
N ALA B 349 -5.88 -4.95 -25.56
CA ALA B 349 -6.11 -3.68 -26.24
C ALA B 349 -6.87 -3.82 -27.56
N GLY B 350 -7.09 -5.04 -28.03
CA GLY B 350 -7.73 -5.21 -29.34
C GLY B 350 -6.94 -4.48 -30.41
N LYS B 351 -7.66 -3.70 -31.23
CA LYS B 351 -7.02 -2.81 -32.18
C LYS B 351 -7.37 -1.36 -31.89
N PHE B 352 -7.60 -1.05 -30.60
CA PHE B 352 -7.89 0.32 -30.14
C PHE B 352 -9.27 0.81 -30.57
N ASP B 353 -10.21 -0.09 -30.89
CA ASP B 353 -11.56 0.34 -31.20
C ASP B 353 -12.24 1.02 -30.02
N THR B 354 -11.78 0.73 -28.80
CA THR B 354 -12.35 1.36 -27.61
C THR B 354 -12.23 2.88 -27.69
N LEU B 355 -11.22 3.38 -28.39
CA LEU B 355 -10.95 4.81 -28.47
C LEU B 355 -11.42 5.42 -29.77
N LEU B 356 -12.27 4.72 -30.51
CA LEU B 356 -13.02 5.37 -31.58
C LEU B 356 -13.92 6.45 -30.99
N ILE B 357 -14.07 7.55 -31.73
CA ILE B 357 -14.82 8.71 -31.25
C ILE B 357 -16.26 8.35 -30.93
N SER B 358 -16.85 7.38 -31.66
CA SER B 358 -18.22 6.98 -31.36
C SER B 358 -18.33 6.34 -29.98
N ASN B 359 -17.31 5.60 -29.57
CA ASN B 359 -17.31 4.92 -28.27
C ASN B 359 -16.86 5.84 -27.15
N MET B 360 -16.16 6.94 -27.47
CA MET B 360 -15.82 7.90 -26.43
C MET B 360 -16.97 8.86 -26.18
N LYS B 361 -17.71 9.23 -27.23
CA LYS B 361 -18.85 10.13 -27.06
C LYS B 361 -19.84 9.61 -26.05
N THR B 362 -20.05 8.30 -26.01
CA THR B 362 -21.00 7.73 -25.05
C THR B 362 -20.44 7.60 -23.64
N GLY B 363 -19.13 7.79 -23.45
CA GLY B 363 -18.51 7.51 -22.17
C GLY B 363 -18.27 6.05 -21.88
N GLU B 364 -18.67 5.15 -22.77
CA GLU B 364 -18.59 3.73 -22.48
C GLU B 364 -17.16 3.21 -22.54
N PHE B 365 -16.24 3.95 -23.17
CA PHE B 365 -14.85 3.55 -23.19
C PHE B 365 -14.29 3.38 -21.78
N GLN B 366 -14.82 4.12 -20.80
CA GLN B 366 -14.30 4.09 -19.44
C GLN B 366 -14.57 2.78 -18.72
N TYR B 367 -15.42 1.91 -19.27
CA TYR B 367 -15.87 0.73 -18.56
C TYR B 367 -15.52 -0.56 -19.29
N ASP B 368 -14.62 -0.50 -20.27
CA ASP B 368 -14.13 -1.68 -20.97
C ASP B 368 -13.04 -2.30 -20.10
N ALA B 369 -13.44 -3.29 -19.29
CA ALA B 369 -12.57 -3.76 -18.20
C ALA B 369 -11.25 -4.30 -18.74
N LYS B 370 -11.28 -5.06 -19.83
CA LYS B 370 -10.06 -5.65 -20.35
C LYS B 370 -9.13 -4.62 -20.98
N PHE B 371 -9.64 -3.42 -21.30
CA PHE B 371 -8.85 -2.34 -21.88
C PHE B 371 -8.21 -1.44 -20.84
N LEU B 372 -8.57 -1.57 -19.58
CA LEU B 372 -8.08 -0.56 -18.63
C LEU B 372 -6.61 -0.83 -18.29
N PRO B 373 -5.82 0.23 -18.15
CA PRO B 373 -4.40 0.08 -17.84
C PRO B 373 -4.13 0.05 -16.34
N TYR B 374 -3.10 -0.69 -15.96
CA TYR B 374 -2.65 -0.77 -14.58
C TYR B 374 -1.14 -0.71 -14.54
N LEU B 375 -0.59 0.16 -13.70
CA LEU B 375 0.85 0.26 -13.54
C LEU B 375 1.42 -1.08 -13.10
N THR B 376 2.53 -1.47 -13.73
CA THR B 376 3.03 -2.84 -13.68
C THR B 376 4.56 -2.82 -13.73
N ARG B 377 5.18 -3.80 -13.07
CA ARG B 377 6.63 -3.98 -13.08
C ARG B 377 6.99 -5.38 -13.53
N VAL B 378 8.02 -5.48 -14.37
CA VAL B 378 8.66 -6.75 -14.68
C VAL B 378 10.16 -6.56 -14.51
N ILE B 379 10.86 -7.64 -14.14
CA ILE B 379 12.28 -7.59 -13.79
C ILE B 379 13.03 -8.62 -14.62
N VAL B 380 13.98 -8.16 -15.42
CA VAL B 380 14.67 -9.02 -16.40
C VAL B 380 16.06 -9.32 -15.87
N PRO B 381 16.41 -10.59 -15.65
CA PRO B 381 17.81 -10.93 -15.37
C PRO B 381 18.64 -10.77 -16.63
N MET B 382 19.74 -10.03 -16.53
CA MET B 382 20.59 -9.77 -17.68
C MET B 382 21.64 -10.85 -17.93
N SER B 383 21.74 -11.83 -17.04
CA SER B 383 22.56 -13.00 -17.28
C SER B 383 21.96 -14.17 -16.52
N VAL B 384 22.32 -15.38 -16.94
CA VAL B 384 21.88 -16.61 -16.30
C VAL B 384 23.10 -17.28 -15.68
N SER B 385 23.04 -17.55 -14.37
CA SER B 385 24.18 -18.15 -13.70
C SER B 385 24.36 -19.61 -14.13
N SER B 386 25.61 -20.09 -14.03
CA SER B 386 25.91 -21.46 -14.42
C SER B 386 25.20 -22.46 -13.52
N SER B 387 24.96 -22.09 -12.27
CA SER B 387 24.29 -22.96 -11.30
C SER B 387 22.77 -23.01 -11.48
N ALA B 388 22.22 -22.21 -12.39
CA ALA B 388 20.77 -22.17 -12.57
C ALA B 388 20.30 -23.41 -13.32
N LYS B 389 19.15 -23.92 -12.89
CA LYS B 389 18.51 -25.10 -13.44
C LYS B 389 17.17 -24.71 -14.03
N PRO B 390 16.71 -25.39 -15.08
CA PRO B 390 15.35 -25.12 -15.59
C PRO B 390 14.33 -25.25 -14.48
N GLY B 391 13.36 -24.32 -14.47
CA GLY B 391 12.40 -24.21 -13.41
C GLY B 391 12.79 -23.27 -12.29
N ASP B 392 14.06 -22.92 -12.18
CA ASP B 392 14.50 -21.99 -11.15
C ASP B 392 13.98 -20.59 -11.45
N ASN B 393 13.48 -19.91 -10.41
CA ASN B 393 13.21 -18.49 -10.49
C ASN B 393 14.54 -17.75 -10.34
N LEU B 394 15.05 -17.20 -11.44
CA LEU B 394 16.34 -16.51 -11.41
C LEU B 394 16.34 -15.30 -10.49
N LEU B 395 15.18 -14.86 -10.03
CA LEU B 395 15.05 -13.73 -9.13
C LEU B 395 14.94 -14.14 -7.67
N LYS B 396 15.07 -15.46 -7.38
CA LYS B 396 14.76 -15.96 -6.04
C LYS B 396 15.66 -15.35 -4.98
N SER B 397 16.91 -15.05 -5.31
CA SER B 397 17.83 -14.42 -4.36
C SER B 397 17.85 -12.90 -4.49
N VAL B 398 16.93 -12.32 -5.23
CA VAL B 398 16.80 -10.87 -5.36
C VAL B 398 15.66 -10.44 -4.43
N PRO B 399 15.98 -9.90 -3.25
CA PRO B 399 14.91 -9.65 -2.26
C PRO B 399 13.83 -8.71 -2.76
N TRP B 400 14.22 -7.59 -3.36
CA TRP B 400 13.28 -6.56 -3.82
C TRP B 400 12.46 -7.00 -5.03
N ALA B 401 12.68 -8.20 -5.57
CA ALA B 401 11.96 -8.66 -6.74
C ALA B 401 10.73 -9.48 -6.40
N SER B 402 10.24 -9.35 -5.17
CA SER B 402 9.05 -10.07 -4.75
C SER B 402 7.87 -9.72 -5.65
N GLY B 403 7.06 -10.73 -5.96
CA GLY B 403 5.92 -10.55 -6.84
C GLY B 403 6.23 -10.68 -8.31
N CYS B 404 7.51 -10.68 -8.69
CA CYS B 404 7.95 -10.97 -10.04
C CYS B 404 8.71 -12.29 -10.06
N THR B 405 8.57 -13.05 -11.14
CA THR B 405 9.36 -14.25 -11.35
C THR B 405 9.93 -14.25 -12.75
N SER B 406 11.18 -14.72 -12.87
CA SER B 406 11.83 -14.93 -14.15
C SER B 406 12.39 -16.35 -14.10
N ILE B 407 11.65 -17.28 -14.70
CA ILE B 407 11.88 -18.71 -14.52
C ILE B 407 12.62 -19.22 -15.75
N LEU B 408 13.79 -19.82 -15.52
CA LEU B 408 14.56 -20.40 -16.61
C LEU B 408 13.80 -21.55 -17.25
N GLN B 409 13.78 -21.58 -18.57
CA GLN B 409 13.03 -22.59 -19.29
C GLN B 409 13.94 -23.74 -19.72
N ASP B 410 13.30 -24.83 -20.12
CA ASP B 410 14.04 -26.03 -20.51
C ASP B 410 14.93 -25.73 -21.73
N ASP B 411 14.48 -24.88 -22.65
CA ASP B 411 15.22 -24.54 -23.87
C ASP B 411 16.20 -23.38 -23.66
N GLY B 412 16.41 -22.95 -22.42
CA GLY B 412 17.32 -21.86 -22.13
C GLY B 412 16.71 -20.48 -22.15
N SER B 413 15.48 -20.34 -22.60
CA SER B 413 14.81 -19.04 -22.59
C SER B 413 14.36 -18.69 -21.17
N ILE B 414 13.82 -17.49 -21.00
CA ILE B 414 13.34 -17.04 -19.70
C ILE B 414 11.90 -16.60 -19.86
N ARG B 415 11.05 -17.02 -18.94
CA ARG B 415 9.65 -16.64 -18.92
C ARG B 415 9.41 -15.73 -17.71
N LEU B 416 8.84 -14.55 -17.95
CA LEU B 416 8.72 -13.52 -16.92
C LEU B 416 7.26 -13.27 -16.55
N THR B 417 7.01 -13.15 -15.25
CA THR B 417 5.71 -12.73 -14.73
C THR B 417 5.86 -11.42 -13.97
N GLU B 418 4.78 -10.64 -13.97
CA GLU B 418 4.78 -9.25 -13.55
C GLU B 418 4.11 -9.08 -12.19
N ARG B 419 4.34 -7.90 -11.63
CA ARG B 419 3.71 -7.45 -10.39
C ARG B 419 2.87 -6.22 -10.70
N ARG B 420 1.59 -6.26 -10.36
CA ARG B 420 0.76 -5.07 -10.45
C ARG B 420 1.12 -4.12 -9.32
N VAL B 421 1.56 -2.91 -9.67
CA VAL B 421 2.06 -1.96 -8.68
C VAL B 421 0.91 -1.30 -7.92
N CYS B 422 -0.17 -0.97 -8.62
CA CYS B 422 -1.27 -0.21 -8.03
C CYS B 422 -2.58 -0.76 -8.56
N GLU B 423 -3.58 -0.89 -7.67
CA GLU B 423 -4.86 -1.44 -8.10
C GLU B 423 -5.77 -0.42 -8.75
N THR B 424 -5.46 0.86 -8.63
CA THR B 424 -6.24 1.91 -9.30
C THR B 424 -5.76 2.05 -10.74
N SER B 425 -6.66 1.89 -11.70
CA SER B 425 -6.27 2.00 -13.10
C SER B 425 -5.70 3.39 -13.37
N MET B 426 -4.59 3.43 -14.12
CA MET B 426 -3.92 4.69 -14.40
C MET B 426 -3.14 4.57 -15.70
N GLU B 427 -2.91 5.72 -16.32
CA GLU B 427 -2.10 5.85 -17.53
C GLU B 427 -1.52 7.26 -17.53
N PHE B 428 -0.98 7.67 -18.67
CA PHE B 428 -0.16 8.87 -18.80
C PHE B 428 0.85 8.99 -17.63
N PRO B 429 1.69 7.97 -17.45
CA PRO B 429 2.62 7.98 -16.30
C PRO B 429 3.75 8.99 -16.51
N ARG B 430 4.13 9.65 -15.43
CA ARG B 430 5.24 10.58 -15.42
C ARG B 430 6.00 10.42 -14.11
N TYR B 431 7.24 10.88 -14.09
CA TYR B 431 8.06 10.72 -12.89
C TYR B 431 9.04 11.89 -12.80
N HIS B 432 9.82 11.90 -11.72
CA HIS B 432 10.75 13.01 -11.43
C HIS B 432 12.00 12.78 -12.27
N TRP B 433 11.89 13.15 -13.55
CA TRP B 433 12.92 12.85 -14.53
C TRP B 433 14.29 13.40 -14.11
N GLU B 434 14.31 14.62 -13.58
CA GLU B 434 15.57 15.28 -13.26
C GLU B 434 16.39 14.50 -12.22
N LYS B 435 15.71 13.83 -11.30
CA LYS B 435 16.42 13.14 -10.21
C LYS B 435 16.69 11.69 -10.50
N ILE B 436 15.74 10.96 -11.08
CA ILE B 436 15.88 9.51 -11.09
C ILE B 436 15.64 8.88 -12.45
N ASN B 437 15.67 9.67 -13.52
CA ASN B 437 15.60 9.07 -14.85
C ASN B 437 16.68 8.01 -14.97
N MET B 438 16.29 6.80 -15.37
CA MET B 438 17.20 5.67 -15.55
C MET B 438 17.80 5.17 -14.24
N LYS B 439 17.23 5.56 -13.11
CA LYS B 439 17.72 5.15 -11.80
C LYS B 439 16.59 4.53 -10.97
N GLU B 440 16.98 3.81 -9.92
CA GLU B 440 16.03 3.27 -8.96
C GLU B 440 15.18 4.40 -8.40
N TYR B 441 13.89 4.15 -8.20
CA TYR B 441 13.01 5.26 -7.86
C TYR B 441 11.75 4.76 -7.16
N ARG B 442 10.97 5.72 -6.67
CA ARG B 442 9.84 5.41 -5.81
C ARG B 442 8.46 5.72 -6.40
N TYR B 443 8.33 6.75 -7.25
CA TYR B 443 7.02 7.30 -7.55
C TYR B 443 6.73 7.40 -9.05
N VAL B 444 5.49 7.07 -9.41
CA VAL B 444 4.94 7.33 -10.73
C VAL B 444 3.63 8.10 -10.54
N PHE B 445 3.47 9.20 -11.27
CA PHE B 445 2.23 9.96 -11.25
C PHE B 445 1.46 9.66 -12.53
N GLY B 446 0.14 9.50 -12.40
CA GLY B 446 -0.65 9.17 -13.57
C GLY B 446 -2.07 9.67 -13.44
N SER B 447 -2.82 9.50 -14.52
CA SER B 447 -4.20 9.96 -14.62
C SER B 447 -5.14 8.77 -14.81
N THR B 448 -6.39 8.93 -14.37
CA THR B 448 -7.39 7.87 -14.53
C THR B 448 -8.26 8.09 -15.77
N VAL B 449 -7.80 8.90 -16.72
CA VAL B 449 -8.64 9.27 -17.87
C VAL B 449 -9.19 8.06 -18.61
N PHE B 450 -8.43 6.94 -18.67
CA PHE B 450 -8.92 5.77 -19.41
C PHE B 450 -10.20 5.18 -18.81
N GLY B 451 -10.46 5.39 -17.51
CA GLY B 451 -11.68 4.95 -16.87
C GLY B 451 -11.42 4.16 -15.60
N ARG B 452 -12.47 3.49 -15.12
CA ARG B 452 -12.49 2.63 -13.94
C ARG B 452 -13.77 1.81 -13.96
N ILE B 453 -13.69 0.59 -13.41
CA ILE B 453 -14.83 -0.32 -13.37
C ILE B 453 -15.44 -0.43 -11.98
N ASP B 454 -14.87 0.24 -10.97
CA ASP B 454 -15.39 0.15 -9.60
C ASP B 454 -16.06 1.44 -9.14
N GLY B 455 -16.36 2.36 -10.05
CA GLY B 455 -17.01 3.60 -9.68
C GLY B 455 -16.18 4.55 -8.84
N ASN B 456 -14.88 4.31 -8.70
CA ASN B 456 -14.08 5.17 -7.86
C ASN B 456 -13.94 6.56 -8.50
N LEU B 457 -13.70 7.56 -7.64
CA LEU B 457 -13.61 8.95 -8.04
C LEU B 457 -12.17 9.42 -8.29
N ALA B 458 -11.21 8.50 -8.27
CA ALA B 458 -9.81 8.89 -8.38
C ALA B 458 -9.57 9.63 -9.69
N GLY B 459 -8.78 10.72 -9.60
CA GLY B 459 -8.38 11.47 -10.78
C GLY B 459 -6.89 11.39 -11.04
N VAL B 460 -6.06 11.72 -10.05
CA VAL B 460 -4.62 11.63 -10.16
C VAL B 460 -4.12 10.61 -9.16
N VAL B 461 -3.20 9.74 -9.58
CA VAL B 461 -2.66 8.68 -8.73
C VAL B 461 -1.17 8.90 -8.56
N LYS B 462 -0.68 8.77 -7.33
CA LYS B 462 0.76 8.74 -7.05
C LYS B 462 1.05 7.33 -6.57
N ALA B 463 1.60 6.50 -7.46
CA ALA B 463 1.85 5.11 -7.13
C ALA B 463 3.24 4.96 -6.51
N ASP B 464 3.32 4.11 -5.51
CA ASP B 464 4.57 3.86 -4.82
C ASP B 464 5.14 2.53 -5.32
N LEU B 465 6.34 2.58 -5.91
CA LEU B 465 6.98 1.37 -6.45
C LEU B 465 7.69 0.53 -5.40
N LYS B 466 7.80 1.02 -4.18
CA LYS B 466 8.50 0.29 -3.13
C LYS B 466 7.51 -0.26 -2.09
N PHE B 467 6.37 -0.76 -2.59
CA PHE B 467 5.33 -1.39 -1.79
C PHE B 467 4.72 -0.46 -0.75
N GLY B 468 4.87 0.86 -0.94
CA GLY B 468 4.30 1.85 -0.05
C GLY B 468 2.85 2.22 -0.34
N ASN B 469 2.44 3.33 0.27
CA ASN B 469 1.07 3.84 0.15
C ASN B 469 0.88 4.64 -1.11
N HIS B 470 -0.12 4.27 -1.92
CA HIS B 470 -0.45 5.06 -3.11
C HIS B 470 -1.39 6.19 -2.68
N LEU B 471 -1.18 7.37 -3.25
CA LEU B 471 -2.01 8.52 -2.93
C LEU B 471 -2.91 8.86 -4.11
N ILE B 472 -4.05 9.49 -3.82
CA ILE B 472 -5.03 9.80 -4.85
C ILE B 472 -5.56 11.21 -4.63
N TRP B 473 -5.79 11.91 -5.73
CA TRP B 473 -6.61 13.12 -5.74
C TRP B 473 -7.89 12.79 -6.48
N ASN B 474 -9.03 13.04 -5.84
CA ASN B 474 -10.32 12.65 -6.42
C ASN B 474 -10.90 13.77 -7.28
N ARG B 475 -11.47 13.38 -8.42
CA ARG B 475 -12.26 14.32 -9.20
C ARG B 475 -13.42 14.83 -8.37
N GLU B 476 -13.73 16.12 -8.51
CA GLU B 476 -14.75 16.77 -7.69
C GLU B 476 -16.16 16.50 -8.18
N ASN B 477 -16.33 16.17 -9.46
CA ASN B 477 -17.63 15.84 -10.02
C ASN B 477 -17.39 15.02 -11.28
N PRO B 478 -18.42 14.37 -11.83
CA PRO B 478 -18.19 13.50 -13.00
C PRO B 478 -17.87 14.24 -14.29
N HIS B 479 -17.83 15.57 -14.31
CA HIS B 479 -17.51 16.34 -15.50
C HIS B 479 -16.05 16.79 -15.56
N GLN B 480 -15.24 16.41 -14.58
CA GLN B 480 -13.82 16.70 -14.55
C GLN B 480 -13.06 15.47 -15.04
N ILE B 481 -12.09 15.71 -15.91
CA ILE B 481 -11.27 14.65 -16.49
C ILE B 481 -9.82 15.05 -16.32
N CYS B 482 -9.02 14.18 -15.70
CA CYS B 482 -7.65 14.53 -15.37
C CYS B 482 -6.71 14.24 -16.54
N GLY B 483 -5.92 15.24 -16.91
CA GLY B 483 -4.87 15.07 -17.90
C GLY B 483 -3.60 14.52 -17.30
N GLU B 484 -2.58 14.49 -18.13
CA GLU B 484 -1.27 13.97 -17.74
C GLU B 484 -0.65 14.85 -16.67
N PRO B 485 -0.29 14.30 -15.51
CA PRO B 485 0.36 15.12 -14.48
C PRO B 485 1.85 15.25 -14.76
N ILE B 486 2.37 16.47 -14.66
CA ILE B 486 3.79 16.73 -14.84
C ILE B 486 4.39 17.14 -13.50
N PHE B 487 5.49 16.52 -13.13
CA PHE B 487 6.20 16.83 -11.89
C PHE B 487 7.22 17.93 -12.13
N VAL B 488 7.18 18.96 -11.30
CA VAL B 488 8.13 20.07 -11.33
C VAL B 488 8.88 20.07 -10.01
N PRO B 489 10.21 19.91 -10.00
CA PRO B 489 10.92 19.76 -8.73
C PRO B 489 11.17 21.06 -7.99
N ASN B 490 11.11 20.96 -6.67
CA ASN B 490 11.66 21.97 -5.79
C ASN B 490 13.19 21.92 -5.91
N PRO B 491 13.85 22.97 -6.38
CA PRO B 491 15.31 22.91 -6.51
C PRO B 491 16.04 22.75 -5.19
N GLU B 492 15.43 23.17 -4.08
CA GLU B 492 15.96 23.01 -2.74
C GLU B 492 15.69 21.63 -2.16
N GLY B 493 15.10 20.72 -2.93
CA GLY B 493 14.59 19.49 -2.37
C GLY B 493 15.59 18.36 -2.34
N ILE B 494 15.24 17.33 -1.56
CA ILE B 494 16.10 16.15 -1.43
C ILE B 494 15.29 14.89 -1.74
N GLU B 495 14.04 14.85 -1.30
CA GLU B 495 13.19 13.68 -1.51
C GLU B 495 12.70 13.65 -2.96
N GLU B 496 12.33 12.45 -3.42
CA GLU B 496 11.92 12.29 -4.82
C GLU B 496 10.63 13.05 -5.11
N ASP B 497 9.74 13.18 -4.13
CA ASP B 497 8.45 13.80 -4.32
C ASP B 497 8.41 15.24 -3.82
N ASP B 498 9.57 15.88 -3.66
CA ASP B 498 9.59 17.27 -3.23
C ASP B 498 9.40 18.17 -4.44
N GLY B 499 8.14 18.51 -4.70
CA GLY B 499 7.81 19.32 -5.86
C GLY B 499 6.30 19.45 -5.95
N ILE B 500 5.84 19.90 -7.13
CA ILE B 500 4.42 20.01 -7.39
C ILE B 500 4.11 19.22 -8.64
N LEU B 501 2.82 18.95 -8.83
CA LEU B 501 2.29 18.43 -10.09
C LEU B 501 1.44 19.49 -10.77
N ILE B 502 1.65 19.66 -12.08
CA ILE B 502 0.76 20.44 -12.94
C ILE B 502 -0.20 19.46 -13.60
N VAL B 503 -1.50 19.66 -13.42
CA VAL B 503 -2.45 18.72 -14.00
C VAL B 503 -3.53 19.46 -14.77
N PRO B 504 -3.60 19.34 -16.10
CA PRO B 504 -4.75 19.91 -16.81
C PRO B 504 -6.00 19.13 -16.46
N ILE B 505 -7.05 19.85 -16.05
CA ILE B 505 -8.34 19.27 -15.74
C ILE B 505 -9.29 19.69 -16.86
N MET B 506 -9.58 18.75 -17.77
CA MET B 506 -10.53 18.95 -18.83
C MET B 506 -11.95 18.87 -18.29
N SER B 507 -12.88 19.47 -19.03
CA SER B 507 -14.28 19.57 -18.63
C SER B 507 -15.18 19.02 -19.72
N SER B 508 -16.12 18.16 -19.33
CA SER B 508 -17.17 17.70 -20.23
C SER B 508 -18.53 18.33 -19.93
N SER B 509 -18.53 19.57 -19.43
CA SER B 509 -19.80 20.22 -19.12
C SER B 509 -19.65 21.73 -19.16
N GLU B 510 -20.67 22.41 -19.69
CA GLU B 510 -20.68 23.87 -19.61
C GLU B 510 -20.80 24.36 -18.17
N LYS B 511 -21.19 23.48 -17.24
CA LYS B 511 -21.25 23.83 -15.83
C LYS B 511 -19.89 23.75 -15.12
N GLN B 512 -18.85 23.30 -15.82
CA GLN B 512 -17.53 23.13 -15.23
C GLN B 512 -16.50 23.85 -16.08
N VAL B 513 -15.89 24.88 -15.52
CA VAL B 513 -14.79 25.55 -16.23
C VAL B 513 -13.57 24.65 -16.22
N PRO B 514 -12.86 24.48 -17.35
CA PRO B 514 -11.59 23.76 -17.29
C PRO B 514 -10.56 24.55 -16.50
N PHE B 515 -9.63 23.82 -15.89
CA PHE B 515 -8.63 24.50 -15.07
C PHE B 515 -7.38 23.65 -15.01
N VAL B 516 -6.29 24.30 -14.61
CA VAL B 516 -5.04 23.63 -14.31
C VAL B 516 -4.92 23.51 -12.80
N LEU B 517 -4.73 22.28 -12.34
CA LEU B 517 -4.64 21.93 -10.92
C LEU B 517 -3.18 21.79 -10.51
N ILE B 518 -2.79 22.45 -9.42
CA ILE B 518 -1.43 22.38 -8.90
C ILE B 518 -1.48 21.62 -7.58
N LEU B 519 -0.85 20.45 -7.54
CA LEU B 519 -0.87 19.59 -6.38
C LEU B 519 0.50 19.56 -5.72
N ASP B 520 0.51 19.54 -4.39
CA ASP B 520 1.72 19.17 -3.68
C ASP B 520 2.03 17.71 -3.98
N ALA B 521 3.20 17.44 -4.54
CA ALA B 521 3.51 16.07 -4.92
C ALA B 521 3.69 15.16 -3.71
N LYS B 522 4.01 15.71 -2.54
CA LYS B 522 4.19 14.85 -1.36
C LYS B 522 2.87 14.27 -0.89
N THR B 523 1.81 15.08 -0.91
CA THR B 523 0.53 14.73 -0.33
C THR B 523 -0.59 14.59 -1.35
N LEU B 524 -0.39 15.04 -2.59
CA LEU B 524 -1.44 15.18 -3.60
C LEU B 524 -2.58 16.08 -3.13
N GLU B 525 -2.31 16.98 -2.19
CA GLU B 525 -3.29 17.98 -1.80
C GLU B 525 -3.10 19.25 -2.62
N GLU B 526 -4.21 19.82 -3.05
CA GLU B 526 -4.17 20.99 -3.93
C GLU B 526 -3.56 22.19 -3.20
N THR B 527 -2.69 22.91 -3.90
CA THR B 527 -2.28 24.22 -3.41
C THR B 527 -2.86 25.36 -4.23
N ALA B 528 -3.16 25.14 -5.51
CA ALA B 528 -3.71 26.20 -6.33
C ALA B 528 -4.40 25.59 -7.53
N ARG B 529 -5.30 26.36 -8.13
CA ARG B 529 -5.80 26.02 -9.46
C ARG B 529 -5.94 27.30 -10.26
N PHE B 530 -5.82 27.18 -11.58
CA PHE B 530 -5.92 28.29 -12.52
C PHE B 530 -7.07 28.01 -13.46
N GLU B 531 -8.11 28.84 -13.42
CA GLU B 531 -9.26 28.65 -14.29
C GLU B 531 -9.00 29.15 -15.70
N ILE B 532 -9.26 28.29 -16.68
CA ILE B 532 -9.03 28.65 -18.08
C ILE B 532 -10.18 29.53 -18.55
N PRO B 533 -9.90 30.69 -19.13
CA PRO B 533 -10.98 31.59 -19.56
C PRO B 533 -11.57 31.19 -20.90
N GLU B 534 -11.72 29.89 -21.12
CA GLU B 534 -12.37 29.35 -22.31
C GLU B 534 -13.28 28.24 -21.86
N ALA B 535 -14.27 27.91 -22.70
CA ALA B 535 -15.23 26.89 -22.31
C ALA B 535 -14.61 25.50 -22.27
N ARG B 536 -13.55 25.26 -23.06
CA ARG B 536 -13.01 23.92 -23.20
C ARG B 536 -11.50 23.96 -23.42
N ILE B 537 -10.85 22.90 -22.95
CA ILE B 537 -9.51 22.56 -23.42
C ILE B 537 -9.62 21.14 -24.00
N PRO B 538 -8.75 20.76 -24.94
CA PRO B 538 -8.94 19.48 -25.63
C PRO B 538 -8.79 18.27 -24.73
N LEU B 539 -9.49 17.20 -25.11
CA LEU B 539 -9.25 15.86 -24.56
C LEU B 539 -7.91 15.44 -25.16
N GLY B 540 -6.84 15.97 -24.58
CA GLY B 540 -5.55 16.03 -25.25
C GLY B 540 -4.67 14.88 -24.84
N PHE B 541 -3.40 14.97 -25.24
CA PHE B 541 -2.48 13.88 -24.98
C PHE B 541 -1.39 14.37 -24.05
N HIS B 542 -0.19 14.58 -24.57
CA HIS B 542 0.99 14.78 -23.75
C HIS B 542 1.43 16.23 -23.70
N ALA B 543 2.16 16.57 -22.65
CA ALA B 543 2.64 17.92 -22.48
C ALA B 543 4.09 17.91 -22.04
N PHE B 544 4.76 19.03 -22.27
CA PHE B 544 6.16 19.19 -21.90
C PHE B 544 6.30 20.48 -21.11
N TYR B 545 6.95 20.40 -19.96
CA TYR B 545 7.25 21.58 -19.16
C TYR B 545 8.72 21.95 -19.31
N LYS B 546 8.95 23.17 -19.81
CA LYS B 546 10.29 23.70 -19.93
C LYS B 546 10.48 24.72 -18.82
N PRO B 547 11.32 24.48 -17.84
CA PRO B 547 11.48 25.47 -16.76
C PRO B 547 12.12 26.73 -17.31
N LYS B 548 11.78 27.86 -16.71
CA LYS B 548 12.34 29.10 -17.22
C LYS B 548 13.79 29.27 -16.79
N ASN B 549 14.13 28.71 -15.66
CA ASN B 549 15.50 28.71 -15.22
C ASN B 549 16.01 27.27 -15.35
#